data_2F9O
#
_entry.id   2F9O
#
_cell.length_a   83.310
_cell.length_b   88.930
_cell.length_c   162.920
_cell.angle_alpha   90.00
_cell.angle_beta   90.00
_cell.angle_gamma   90.00
#
_symmetry.space_group_name_H-M   'P 21 21 21'
#
loop_
_entity.id
_entity.type
_entity.pdbx_description
1 polymer 'Tryptase alpha-1'
2 branched alpha-L-fucopyranose-(1-3)-[2-acetamido-2-deoxy-beta-D-glucopyranose-(1-4)]2-acetamido-2-deoxy-beta-D-glucopyranose
3 water water
#
_entity_poly.entity_id   1
_entity_poly.type   'polypeptide(L)'
_entity_poly.pdbx_seq_one_letter_code
;IVGGQEAPRSKWPWQVSLRVRDRYWMHFCGGSLIHPQWVLTAAHCVGPDVKDLATLRVQLREQHLYYQDQLLPVSRIIVH
PQFYIIQTGADIALLELEEPVNISSRVHTVMLPPASETFPPGMPCWVTGWGDVDNDEPLPPPFPLKQVKVPIMENHICDA
KYHLGAYTGDDVRIIRDDMLCAGNSQRDSCKGDSGGPLVCKVNGTWLQAGVVSWGEGCAQPNRPGIYTRVTYYLDWIHHY
VPKKP
;
_entity_poly.pdbx_strand_id   A,B,C,D
#
# COMPACT_ATOMS: atom_id res chain seq x y z
N ILE A 1 10.22 5.15 18.51
CA ILE A 1 10.34 6.25 19.53
C ILE A 1 9.91 7.58 18.90
N VAL A 2 8.90 8.21 19.48
CA VAL A 2 8.39 9.48 18.98
C VAL A 2 8.95 10.65 19.80
N GLY A 3 9.50 11.64 19.09
CA GLY A 3 10.02 12.82 19.75
C GLY A 3 11.32 12.65 20.50
N GLY A 4 12.16 11.72 20.08
CA GLY A 4 13.39 11.55 20.81
C GLY A 4 14.62 11.89 19.98
N GLN A 5 15.75 11.32 20.38
CA GLN A 5 16.99 11.54 19.68
C GLN A 5 17.74 10.20 19.61
N GLU A 6 18.75 10.17 18.75
CA GLU A 6 19.56 8.97 18.59
C GLU A 6 20.33 8.80 19.91
N ALA A 7 20.38 7.57 20.40
CA ALA A 7 21.05 7.32 21.66
C ALA A 7 22.56 7.32 21.50
N PRO A 8 23.28 7.82 22.51
CA PRO A 8 24.76 7.83 22.44
C PRO A 8 25.23 6.37 22.50
N ARG A 9 26.33 6.07 21.80
CA ARG A 9 26.86 4.71 21.79
C ARG A 9 26.95 4.04 23.16
N SER A 10 27.33 4.80 24.18
CA SER A 10 27.48 4.19 25.50
C SER A 10 26.23 4.04 26.36
N LYS A 11 25.07 4.42 25.83
CA LYS A 11 23.84 4.33 26.61
C LYS A 11 22.98 3.11 26.27
N TRP A 12 22.29 2.59 27.28
CA TRP A 12 21.37 1.46 27.16
C TRP A 12 22.06 0.19 26.65
N PRO A 13 23.10 -0.27 27.37
CA PRO A 13 23.83 -1.48 26.96
C PRO A 13 23.00 -2.76 27.05
N TRP A 14 21.85 -2.66 27.69
CA TRP A 14 20.94 -3.79 27.87
C TRP A 14 19.92 -3.91 26.75
N GLN A 15 19.83 -2.89 25.90
CA GLN A 15 18.83 -2.94 24.83
C GLN A 15 19.06 -4.08 23.83
N VAL A 16 17.99 -4.76 23.45
CA VAL A 16 18.10 -5.81 22.44
C VAL A 16 16.99 -5.66 21.39
N SER A 17 17.26 -6.23 20.22
CA SER A 17 16.34 -6.23 19.09
C SER A 17 15.94 -7.69 18.83
N LEU A 18 14.65 -7.95 18.65
CA LEU A 18 14.14 -9.29 18.34
C LEU A 18 13.90 -9.35 16.84
N ARG A 19 14.41 -10.39 16.18
CA ARG A 19 14.25 -10.52 14.74
C ARG A 19 13.44 -11.73 14.28
N VAL A 20 12.62 -11.53 13.24
CA VAL A 20 11.84 -12.63 12.69
C VAL A 20 12.31 -12.90 11.26
N ARG A 21 12.43 -14.18 10.94
CA ARG A 21 12.90 -14.61 9.62
C ARG A 21 11.98 -14.14 8.49
N ASP A 22 12.47 -13.23 7.67
CA ASP A 22 11.68 -12.73 6.57
C ASP A 22 12.65 -12.74 5.38
N ARG A 23 12.60 -11.75 4.50
CA ARG A 23 13.54 -11.71 3.38
C ARG A 23 14.90 -11.34 3.98
N TYR A 24 14.86 -11.07 5.29
CA TYR A 24 16.07 -10.79 6.09
C TYR A 24 15.58 -10.96 7.53
N TRP A 25 16.52 -10.88 8.49
CA TRP A 25 16.15 -10.99 9.91
C TRP A 25 15.62 -9.62 10.33
N MET A 26 14.33 -9.43 10.10
CA MET A 26 13.67 -8.15 10.37
C MET A 26 13.31 -7.87 11.82
N HIS A 27 13.57 -6.64 12.25
CA HIS A 27 13.24 -6.23 13.61
C HIS A 27 11.74 -6.15 13.78
N PHE A 28 11.21 -6.64 14.89
CA PHE A 28 9.78 -6.55 15.14
C PHE A 28 9.48 -6.15 16.56
N CYS A 29 10.47 -6.25 17.43
CA CYS A 29 10.26 -5.90 18.82
C CYS A 29 11.55 -5.67 19.58
N GLY A 30 11.40 -4.98 20.71
CA GLY A 30 12.53 -4.72 21.56
C GLY A 30 12.52 -5.72 22.71
N GLY A 31 13.57 -5.61 23.53
CA GLY A 31 13.74 -6.45 24.69
C GLY A 31 14.90 -5.90 25.51
N SER A 32 15.16 -6.47 26.67
CA SER A 32 16.28 -6.02 27.50
C SER A 32 16.96 -7.23 28.13
N LEU A 33 18.28 -7.12 28.23
CA LEU A 33 19.09 -8.17 28.82
C LEU A 33 19.01 -7.94 30.34
N ILE A 34 18.38 -8.88 31.06
CA ILE A 34 18.27 -8.75 32.53
C ILE A 34 19.16 -9.74 33.28
N HIS A 35 19.86 -10.56 32.49
CA HIS A 35 20.76 -11.57 33.01
C HIS A 35 21.60 -11.97 31.80
N PRO A 36 22.84 -12.43 32.01
CA PRO A 36 23.67 -12.82 30.88
C PRO A 36 23.03 -13.83 29.93
N GLN A 37 22.06 -14.59 30.42
CA GLN A 37 21.43 -15.56 29.55
C GLN A 37 19.95 -15.35 29.35
N TRP A 38 19.42 -14.24 29.88
CA TRP A 38 18.00 -13.97 29.76
C TRP A 38 17.57 -12.59 29.25
N VAL A 39 16.66 -12.59 28.27
CA VAL A 39 16.10 -11.36 27.73
C VAL A 39 14.65 -11.22 28.19
N LEU A 40 14.30 -10.01 28.63
CA LEU A 40 12.96 -9.73 29.07
C LEU A 40 12.25 -9.01 27.94
N THR A 41 11.02 -9.38 27.60
CA THR A 41 10.32 -8.69 26.53
C THR A 41 8.84 -8.75 26.85
N ALA A 42 7.99 -8.37 25.89
CA ALA A 42 6.54 -8.40 26.12
C ALA A 42 6.01 -9.71 25.55
N ALA A 43 5.03 -10.32 26.22
CA ALA A 43 4.43 -11.56 25.74
C ALA A 43 3.80 -11.38 24.34
N HIS A 44 3.14 -10.23 24.09
CA HIS A 44 2.47 -10.03 22.80
C HIS A 44 3.43 -10.05 21.62
N CYS A 45 4.73 -9.91 21.90
CA CYS A 45 5.75 -9.95 20.84
C CYS A 45 6.00 -11.40 20.40
N VAL A 46 5.69 -12.35 21.27
CA VAL A 46 5.92 -13.75 20.95
C VAL A 46 4.70 -14.65 21.19
N GLY A 47 3.55 -14.08 21.49
CA GLY A 47 2.38 -14.92 21.73
C GLY A 47 1.09 -14.15 21.51
N PRO A 48 -0.05 -14.62 22.02
CA PRO A 48 -0.22 -15.84 22.83
C PRO A 48 -0.02 -17.17 22.09
N ASP A 49 -0.04 -17.16 20.76
CA ASP A 49 0.14 -18.42 20.03
C ASP A 49 1.59 -18.81 19.98
N VAL A 50 1.85 -20.10 20.14
CA VAL A 50 3.21 -20.62 20.13
C VAL A 50 3.83 -20.54 18.74
N LYS A 51 5.01 -19.97 18.63
CA LYS A 51 5.64 -19.88 17.32
C LYS A 51 6.93 -20.70 17.30
N ASP A 52 7.33 -21.11 16.10
CA ASP A 52 8.53 -21.90 15.85
C ASP A 52 9.75 -21.07 16.19
N LEU A 53 10.55 -21.53 17.15
CA LEU A 53 11.74 -20.77 17.53
C LEU A 53 12.73 -20.55 16.40
N ALA A 54 12.67 -21.40 15.39
CA ALA A 54 13.59 -21.28 14.27
C ALA A 54 13.40 -19.93 13.57
N THR A 55 12.23 -19.35 13.67
CA THR A 55 11.99 -18.06 13.02
C THR A 55 12.37 -16.86 13.90
N LEU A 56 13.09 -17.07 15.00
CA LEU A 56 13.44 -15.97 15.87
C LEU A 56 14.92 -15.84 16.21
N ARG A 57 15.42 -14.62 16.31
CA ARG A 57 16.81 -14.40 16.72
C ARG A 57 16.87 -13.16 17.60
N VAL A 58 17.87 -13.10 18.46
CA VAL A 58 18.05 -11.96 19.33
C VAL A 58 19.30 -11.22 18.88
N GLN A 59 19.23 -9.88 18.82
CA GLN A 59 20.41 -9.10 18.48
C GLN A 59 20.70 -8.17 19.67
N LEU A 60 21.90 -8.27 20.21
CA LEU A 60 22.29 -7.45 21.37
C LEU A 60 22.56 -6.02 20.95
N ARG A 61 22.76 -5.13 21.93
CA ARG A 61 22.97 -3.71 21.67
C ARG A 61 23.82 -3.36 20.43
N GLU A 62 23.21 -2.64 19.48
CA GLU A 62 23.96 -2.20 18.32
C GLU A 62 23.48 -0.79 18.08
N GLN A 63 24.33 0.06 17.54
CA GLN A 63 23.95 1.44 17.29
C GLN A 63 22.96 1.56 16.12
N HIS A 64 23.21 0.81 15.04
CA HIS A 64 22.34 0.83 13.87
C HIS A 64 21.85 -0.58 13.50
N LEU A 65 20.54 -0.77 13.44
CA LEU A 65 20.02 -2.09 13.09
C LEU A 65 20.54 -2.61 11.76
N TYR A 66 20.79 -3.91 11.72
CA TYR A 66 21.24 -4.65 10.52
C TYR A 66 22.69 -4.49 10.10
N TYR A 67 23.31 -3.39 10.46
CA TYR A 67 24.67 -3.15 10.04
C TYR A 67 25.69 -4.17 10.53
N GLN A 68 25.83 -4.34 11.83
CA GLN A 68 26.81 -5.29 12.31
C GLN A 68 26.16 -6.44 13.09
N ASP A 69 25.17 -7.09 12.51
CA ASP A 69 24.47 -8.17 13.22
C ASP A 69 25.27 -9.40 13.61
N GLN A 70 25.00 -9.88 14.82
CA GLN A 70 25.61 -11.10 15.36
C GLN A 70 24.41 -11.77 16.06
N LEU A 71 23.52 -12.34 15.25
CA LEU A 71 22.30 -12.94 15.77
C LEU A 71 22.46 -14.13 16.72
N LEU A 72 21.59 -14.19 17.72
CA LEU A 72 21.65 -15.24 18.71
C LEU A 72 20.37 -16.06 18.70
N PRO A 73 20.52 -17.39 18.75
CA PRO A 73 19.32 -18.25 18.76
C PRO A 73 18.74 -18.26 20.16
N VAL A 74 17.43 -18.49 20.24
CA VAL A 74 16.75 -18.53 21.52
C VAL A 74 16.50 -19.99 21.85
N SER A 75 16.93 -20.40 23.04
CA SER A 75 16.78 -21.76 23.47
C SER A 75 15.36 -22.05 23.95
N ARG A 76 14.76 -21.09 24.66
CA ARG A 76 13.42 -21.26 25.20
C ARG A 76 12.64 -19.95 25.39
N ILE A 77 11.33 -19.99 25.15
CA ILE A 77 10.48 -18.83 25.36
C ILE A 77 9.46 -19.14 26.48
N ILE A 78 9.43 -18.31 27.52
CA ILE A 78 8.48 -18.50 28.60
C ILE A 78 7.51 -17.32 28.62
N VAL A 79 6.25 -17.58 28.34
CA VAL A 79 5.25 -16.50 28.32
C VAL A 79 4.36 -16.61 29.54
N HIS A 80 4.07 -15.50 30.18
CA HIS A 80 3.23 -15.56 31.37
C HIS A 80 1.89 -16.23 30.99
N PRO A 81 1.50 -17.29 31.73
CA PRO A 81 0.24 -17.99 31.44
C PRO A 81 -1.05 -17.17 31.53
N GLN A 82 -1.02 -16.05 32.24
CA GLN A 82 -2.22 -15.20 32.34
C GLN A 82 -2.38 -14.31 31.10
N PHE A 83 -1.41 -14.35 30.18
CA PHE A 83 -1.48 -13.51 28.97
C PHE A 83 -2.31 -14.03 27.81
N TYR A 84 -3.20 -13.17 27.29
CA TYR A 84 -3.99 -13.50 26.11
C TYR A 84 -3.95 -12.27 25.20
N ILE A 85 -4.30 -11.11 25.73
CA ILE A 85 -4.23 -9.86 24.97
C ILE A 85 -3.64 -8.75 25.85
N ILE A 86 -3.02 -7.76 25.21
CA ILE A 86 -2.36 -6.70 25.96
C ILE A 86 -3.24 -5.99 26.96
N GLN A 87 -4.47 -5.68 26.59
CA GLN A 87 -5.33 -4.95 27.51
C GLN A 87 -5.74 -5.68 28.79
N THR A 88 -5.56 -6.99 28.87
CA THR A 88 -5.87 -7.65 30.12
C THR A 88 -4.59 -7.93 30.94
N GLY A 89 -3.47 -7.34 30.54
CA GLY A 89 -2.26 -7.49 31.31
C GLY A 89 -1.42 -8.74 31.17
N ALA A 90 -0.50 -8.91 32.12
CA ALA A 90 0.44 -10.03 32.14
C ALA A 90 1.19 -10.01 30.80
N ASP A 91 1.41 -8.81 30.25
CA ASP A 91 2.10 -8.77 28.98
C ASP A 91 3.61 -8.78 29.22
N ILE A 92 4.14 -9.97 29.50
CA ILE A 92 5.57 -10.11 29.80
C ILE A 92 6.04 -11.50 29.42
N ALA A 93 7.26 -11.60 28.93
CA ALA A 93 7.79 -12.88 28.53
C ALA A 93 9.30 -12.89 28.72
N LEU A 94 9.88 -14.08 28.81
CA LEU A 94 11.34 -14.24 28.98
C LEU A 94 11.90 -15.10 27.86
N LEU A 95 13.08 -14.74 27.37
CA LEU A 95 13.75 -15.50 26.32
C LEU A 95 15.08 -16.00 26.89
N GLU A 96 15.26 -17.31 26.93
CA GLU A 96 16.52 -17.87 27.40
C GLU A 96 17.43 -18.01 26.18
N LEU A 97 18.62 -17.42 26.23
CA LEU A 97 19.56 -17.54 25.12
C LEU A 97 20.24 -18.90 25.27
N GLU A 98 20.86 -19.38 24.18
CA GLU A 98 21.56 -20.66 24.18
C GLU A 98 22.80 -20.61 25.05
N GLU A 99 23.42 -19.43 25.13
CA GLU A 99 24.63 -19.26 25.91
C GLU A 99 24.58 -17.96 26.66
N PRO A 100 25.31 -17.85 27.77
CA PRO A 100 25.33 -16.59 28.54
C PRO A 100 26.20 -15.61 27.72
N VAL A 101 25.72 -14.39 27.49
CA VAL A 101 26.51 -13.47 26.71
C VAL A 101 27.71 -12.95 27.50
N ASN A 102 28.67 -12.41 26.77
CA ASN A 102 29.88 -11.84 27.36
C ASN A 102 29.53 -10.45 27.84
N ILE A 103 29.63 -10.22 29.13
CA ILE A 103 29.30 -8.93 29.68
C ILE A 103 30.45 -7.94 29.53
N SER A 104 30.14 -6.73 29.08
CA SER A 104 31.14 -5.67 28.94
C SER A 104 30.46 -4.33 29.25
N SER A 105 31.23 -3.26 29.17
CA SER A 105 30.68 -1.96 29.45
C SER A 105 29.73 -1.59 28.31
N ARG A 106 29.98 -2.19 27.14
CA ARG A 106 29.12 -1.90 26.00
C ARG A 106 27.88 -2.77 25.96
N VAL A 107 27.95 -3.95 26.57
CA VAL A 107 26.79 -4.81 26.59
C VAL A 107 26.67 -5.43 27.96
N HIS A 108 25.62 -5.07 28.69
CA HIS A 108 25.42 -5.67 29.99
C HIS A 108 23.97 -5.57 30.45
N THR A 109 23.67 -6.19 31.57
CA THR A 109 22.31 -6.22 32.06
C THR A 109 21.78 -4.95 32.69
N VAL A 110 20.46 -4.84 32.75
CA VAL A 110 19.85 -3.72 33.43
C VAL A 110 19.32 -4.30 34.74
N MET A 111 19.37 -3.51 35.81
CA MET A 111 18.86 -3.95 37.12
C MET A 111 17.35 -3.85 37.18
N LEU A 112 16.73 -4.83 37.84
CA LEU A 112 15.30 -4.84 38.05
C LEU A 112 15.08 -4.05 39.32
N PRO A 113 13.91 -3.43 39.46
CA PRO A 113 13.62 -2.64 40.65
C PRO A 113 13.21 -3.47 41.86
N PRO A 114 13.35 -2.91 43.06
CA PRO A 114 12.94 -3.68 44.24
C PRO A 114 11.41 -3.57 44.21
N ALA A 115 10.72 -4.54 44.81
CA ALA A 115 9.26 -4.55 44.82
C ALA A 115 8.57 -3.30 45.32
N SER A 116 9.22 -2.56 46.21
CA SER A 116 8.62 -1.36 46.77
C SER A 116 8.66 -0.12 45.88
N GLU A 117 9.49 -0.11 44.85
CA GLU A 117 9.56 1.07 43.97
C GLU A 117 8.27 1.25 43.14
N THR A 118 7.57 2.37 43.29
CA THR A 118 6.33 2.59 42.53
C THR A 118 6.51 3.47 41.27
N PHE A 119 7.67 4.08 41.12
CA PHE A 119 7.98 4.97 40.01
C PHE A 119 6.89 6.03 39.83
N PRO A 120 6.71 6.90 40.85
CA PRO A 120 5.69 7.96 40.81
C PRO A 120 5.96 9.09 39.83
N PRO A 121 4.91 9.88 39.50
CA PRO A 121 5.03 11.02 38.58
C PRO A 121 6.22 11.88 39.00
N GLY A 122 6.94 12.43 38.02
CA GLY A 122 8.10 13.26 38.33
C GLY A 122 9.42 12.51 38.20
N MET A 123 9.36 11.19 38.25
CA MET A 123 10.53 10.34 38.13
C MET A 123 11.10 10.45 36.71
N PRO A 124 12.41 10.70 36.57
CA PRO A 124 13.02 10.81 35.24
C PRO A 124 13.15 9.42 34.59
N CYS A 125 12.46 9.19 33.48
CA CYS A 125 12.50 7.87 32.84
C CYS A 125 12.61 7.97 31.31
N TRP A 126 13.33 7.01 30.72
CA TRP A 126 13.52 6.95 29.26
C TRP A 126 13.02 5.64 28.68
N VAL A 127 12.44 5.71 27.47
CA VAL A 127 12.03 4.52 26.75
C VAL A 127 12.94 4.54 25.51
N THR A 128 13.39 3.36 25.09
CA THR A 128 14.31 3.26 23.98
C THR A 128 13.90 2.18 22.99
N GLY A 129 14.29 2.34 21.73
CA GLY A 129 13.95 1.34 20.73
C GLY A 129 14.17 1.78 19.30
N TRP A 130 13.83 0.89 18.37
CA TRP A 130 13.96 1.17 16.94
C TRP A 130 12.60 1.25 16.28
N GLY A 131 11.57 1.55 17.08
CA GLY A 131 10.22 1.65 16.55
C GLY A 131 9.95 2.90 15.72
N ASP A 132 8.73 2.98 15.18
CA ASP A 132 8.35 4.14 14.35
C ASP A 132 8.60 5.49 15.03
N VAL A 133 8.96 6.51 14.23
CA VAL A 133 9.21 7.83 14.82
C VAL A 133 7.92 8.63 14.92
N ASP A 134 6.85 8.06 14.38
CA ASP A 134 5.52 8.65 14.46
C ASP A 134 4.54 7.67 13.87
N ASN A 135 3.24 7.91 14.08
CA ASN A 135 2.23 7.01 13.54
C ASN A 135 2.48 6.77 12.06
N ASP A 136 2.59 5.51 11.66
CA ASP A 136 2.84 5.15 10.27
C ASP A 136 4.07 5.81 9.66
N GLU A 137 5.10 6.01 10.48
CA GLU A 137 6.33 6.60 9.99
C GLU A 137 7.49 5.77 10.52
N PRO A 138 7.93 4.78 9.76
CA PRO A 138 9.04 3.94 10.22
C PRO A 138 10.38 4.66 10.41
N LEU A 139 11.16 4.13 11.34
CA LEU A 139 12.47 4.67 11.64
C LEU A 139 13.25 4.61 10.32
N PRO A 140 13.86 5.72 9.89
CA PRO A 140 14.63 5.72 8.63
C PRO A 140 15.99 5.04 8.73
N PRO A 141 16.53 4.58 7.60
CA PRO A 141 17.85 3.95 7.64
C PRO A 141 18.77 5.13 8.03
N PRO A 142 19.93 4.91 8.66
CA PRO A 142 20.48 3.61 9.06
C PRO A 142 19.92 3.02 10.36
N PHE A 143 18.68 3.35 10.69
CA PHE A 143 18.02 2.77 11.88
C PHE A 143 18.77 2.93 13.20
N PRO A 144 19.03 4.16 13.62
CA PRO A 144 19.75 4.29 14.89
C PRO A 144 18.81 3.98 16.05
N LEU A 145 19.37 3.47 17.15
CA LEU A 145 18.57 3.22 18.34
C LEU A 145 18.20 4.61 18.87
N LYS A 146 16.93 4.84 19.17
CA LYS A 146 16.51 6.14 19.67
C LYS A 146 16.07 6.07 21.13
N GLN A 147 16.01 7.23 21.76
CA GLN A 147 15.61 7.31 23.16
C GLN A 147 14.74 8.53 23.34
N VAL A 148 13.88 8.49 24.34
CA VAL A 148 13.07 9.64 24.62
C VAL A 148 12.66 9.63 26.09
N LYS A 149 12.71 10.80 26.73
CA LYS A 149 12.32 10.88 28.13
C LYS A 149 10.81 10.97 28.16
N VAL A 150 10.17 10.13 28.96
CA VAL A 150 8.73 10.14 29.03
C VAL A 150 8.18 10.38 30.43
N PRO A 151 7.20 11.30 30.55
CA PRO A 151 6.60 11.60 31.85
C PRO A 151 5.69 10.50 32.36
N ILE A 152 5.88 10.14 33.62
CA ILE A 152 5.08 9.11 34.25
C ILE A 152 3.73 9.73 34.62
N MET A 153 2.64 8.97 34.48
CA MET A 153 1.31 9.42 34.91
C MET A 153 0.83 8.32 35.89
N GLU A 154 0.43 8.72 37.10
CA GLU A 154 -0.04 7.79 38.13
C GLU A 154 -1.20 6.96 37.55
N ASN A 155 -1.25 5.68 37.91
CA ASN A 155 -2.28 4.76 37.39
C ASN A 155 -3.73 5.21 37.32
N HIS A 156 -4.29 5.70 38.43
CA HIS A 156 -5.70 6.12 38.45
C HIS A 156 -5.93 7.36 37.57
N ILE A 157 -4.98 8.29 37.57
CA ILE A 157 -5.09 9.49 36.76
C ILE A 157 -5.12 9.00 35.30
N CYS A 158 -4.25 8.05 35.01
CA CYS A 158 -4.17 7.50 33.66
C CYS A 158 -5.46 6.75 33.29
N ASP A 159 -5.97 5.95 34.23
CA ASP A 159 -7.19 5.22 33.97
C ASP A 159 -8.34 6.22 33.68
N ALA A 160 -8.37 7.34 34.39
CA ALA A 160 -9.41 8.31 34.14
C ALA A 160 -9.22 8.92 32.76
N LYS A 161 -7.98 9.17 32.37
CA LYS A 161 -7.69 9.71 31.04
C LYS A 161 -8.27 8.77 29.95
N TYR A 162 -8.02 7.47 30.09
CA TYR A 162 -8.51 6.51 29.11
C TYR A 162 -10.01 6.44 29.01
N HIS A 163 -10.73 6.89 30.03
CA HIS A 163 -12.19 6.87 29.94
C HIS A 163 -12.73 8.17 29.30
N LEU A 164 -11.90 9.21 29.20
CA LEU A 164 -12.34 10.48 28.61
C LEU A 164 -12.78 10.28 27.18
N GLY A 165 -13.99 10.70 26.85
CA GLY A 165 -14.47 10.55 25.49
C GLY A 165 -14.80 9.13 25.09
N ALA A 166 -14.96 8.23 26.05
CA ALA A 166 -15.30 6.83 25.74
C ALA A 166 -16.64 6.47 26.34
N TYR A 167 -17.30 5.45 25.76
CA TYR A 167 -18.57 4.96 26.28
C TYR A 167 -18.33 4.07 27.50
N THR A 168 -17.09 3.59 27.63
CA THR A 168 -16.71 2.70 28.72
C THR A 168 -17.02 3.23 30.10
N GLY A 169 -17.75 2.43 30.87
CA GLY A 169 -18.14 2.83 32.22
C GLY A 169 -16.96 3.04 33.16
N ASP A 170 -17.11 3.95 34.11
CA ASP A 170 -16.05 4.24 35.07
C ASP A 170 -15.75 3.03 35.96
N ASP A 171 -16.71 2.14 36.14
CA ASP A 171 -16.51 0.96 36.96
C ASP A 171 -15.70 -0.08 36.19
N VAL A 172 -15.43 0.20 34.93
CA VAL A 172 -14.61 -0.69 34.13
C VAL A 172 -13.17 -0.17 34.19
N ARG A 173 -12.26 -0.98 34.73
CA ARG A 173 -10.85 -0.60 34.84
C ARG A 173 -10.14 -0.86 33.53
N ILE A 174 -9.53 0.18 32.99
CA ILE A 174 -8.78 0.07 31.75
C ILE A 174 -7.29 -0.11 32.09
N ILE A 175 -6.77 0.73 32.98
CA ILE A 175 -5.36 0.60 33.38
C ILE A 175 -5.32 -0.31 34.61
N ARG A 176 -4.66 -1.47 34.50
CA ARG A 176 -4.63 -2.40 35.61
C ARG A 176 -3.46 -2.17 36.58
N ASP A 177 -3.49 -2.87 37.71
CA ASP A 177 -2.42 -2.73 38.71
C ASP A 177 -1.05 -3.21 38.23
N ASP A 178 -1.03 -4.09 37.21
CA ASP A 178 0.24 -4.59 36.68
C ASP A 178 0.69 -3.77 35.50
N MET A 179 0.11 -2.57 35.38
CA MET A 179 0.44 -1.66 34.30
C MET A 179 0.99 -0.34 34.87
N LEU A 180 1.65 0.41 34.00
CA LEU A 180 2.26 1.69 34.36
C LEU A 180 2.10 2.57 33.13
N CYS A 181 1.81 3.86 33.35
CA CYS A 181 1.64 4.79 32.23
C CYS A 181 2.77 5.81 32.16
N ALA A 182 3.21 6.09 30.93
CA ALA A 182 4.26 7.07 30.68
C ALA A 182 4.12 7.60 29.25
N GLY A 183 4.43 8.87 29.07
CA GLY A 183 4.36 9.46 27.74
C GLY A 183 3.33 10.57 27.63
N ASN A 184 3.45 11.40 26.60
CA ASN A 184 2.48 12.44 26.38
C ASN A 184 2.32 12.61 24.91
N SER A 185 1.71 13.71 24.49
CA SER A 185 1.48 13.93 23.08
C SER A 185 2.74 14.33 22.31
N GLN A 186 3.85 14.50 23.00
CA GLN A 186 5.07 14.89 22.31
C GLN A 186 6.09 13.76 22.32
N ARG A 187 6.09 12.98 23.39
CA ARG A 187 7.09 11.93 23.57
C ARG A 187 6.43 10.60 23.97
N ASP A 188 6.84 9.53 23.28
CA ASP A 188 6.23 8.21 23.52
C ASP A 188 6.94 7.16 22.67
N SER A 189 6.55 5.91 22.86
CA SER A 189 7.12 4.85 22.04
C SER A 189 6.13 4.66 20.90
N CYS A 190 6.48 3.83 19.92
CA CYS A 190 5.58 3.60 18.80
C CYS A 190 5.85 2.22 18.20
N LYS A 191 5.03 1.81 17.24
CA LYS A 191 5.18 0.49 16.63
C LYS A 191 6.63 0.04 16.44
N GLY A 192 6.96 -1.13 16.98
CA GLY A 192 8.31 -1.64 16.88
C GLY A 192 9.10 -1.44 18.16
N ASP A 193 8.58 -0.62 19.07
CA ASP A 193 9.21 -0.38 20.37
C ASP A 193 8.77 -1.42 21.42
N SER A 194 7.61 -2.05 21.17
CA SER A 194 6.99 -3.06 22.03
C SER A 194 8.01 -4.05 22.58
N GLY A 195 7.87 -4.41 23.84
CA GLY A 195 8.79 -5.35 24.44
C GLY A 195 10.06 -4.72 24.98
N GLY A 196 10.37 -3.50 24.54
CA GLY A 196 11.58 -2.84 25.01
C GLY A 196 11.43 -2.26 26.40
N PRO A 197 12.52 -1.74 26.97
CA PRO A 197 12.53 -1.16 28.30
C PRO A 197 12.18 0.29 28.55
N LEU A 198 11.53 0.53 29.70
CA LEU A 198 11.28 1.88 30.19
C LEU A 198 12.22 1.84 31.41
N VAL A 199 13.29 2.63 31.39
CA VAL A 199 14.22 2.63 32.53
C VAL A 199 14.23 3.96 33.26
N CYS A 200 14.29 3.94 34.60
CA CYS A 200 14.30 5.20 35.34
C CYS A 200 15.55 5.31 36.20
N LYS A 201 16.04 6.53 36.35
CA LYS A 201 17.22 6.81 37.16
C LYS A 201 16.70 7.05 38.58
N VAL A 202 16.86 6.06 39.44
CA VAL A 202 16.40 6.15 40.81
C VAL A 202 17.59 6.29 41.74
N ASN A 203 17.76 7.49 42.28
CA ASN A 203 18.84 7.79 43.20
C ASN A 203 20.15 7.26 42.65
N GLY A 204 20.51 7.75 41.46
CA GLY A 204 21.75 7.35 40.84
C GLY A 204 21.78 5.99 40.17
N THR A 205 20.73 5.18 40.27
CA THR A 205 20.78 3.87 39.61
C THR A 205 19.69 3.68 38.56
N TRP A 206 20.05 3.05 37.45
CA TRP A 206 19.10 2.76 36.37
C TRP A 206 18.32 1.48 36.72
N LEU A 207 17.00 1.60 36.79
CA LEU A 207 16.15 0.45 37.09
C LEU A 207 15.15 0.29 35.97
N GLN A 208 14.85 -0.94 35.56
CA GLN A 208 13.84 -1.09 34.53
C GLN A 208 12.46 -1.09 35.16
N ALA A 209 11.71 0.01 34.96
CA ALA A 209 10.35 0.15 35.53
C ALA A 209 9.27 -0.56 34.69
N GLY A 210 9.43 -0.54 33.38
CA GLY A 210 8.43 -1.16 32.56
C GLY A 210 8.88 -1.80 31.29
N VAL A 211 7.94 -2.49 30.64
CA VAL A 211 8.14 -3.15 29.35
C VAL A 211 7.06 -2.55 28.42
N VAL A 212 7.46 -2.02 27.26
N VAL A 212 7.45 -2.05 27.26
CA VAL A 212 6.50 -1.40 26.34
CA VAL A 212 6.48 -1.47 26.33
C VAL A 212 5.42 -2.42 26.01
C VAL A 212 5.41 -2.50 25.95
N SER A 213 4.18 -2.06 26.29
N SER A 213 4.17 -2.24 26.37
CA SER A 213 3.07 -2.99 26.09
CA SER A 213 3.07 -3.15 26.08
C SER A 213 2.01 -2.54 25.09
C SER A 213 2.22 -2.61 24.94
N TRP A 214 1.32 -1.45 25.37
N TRP A 214 1.55 -1.49 25.19
CA TRP A 214 0.31 -1.00 24.43
CA TRP A 214 0.74 -0.85 24.17
C TRP A 214 -0.10 0.45 24.64
C TRP A 214 1.62 0.22 23.52
N GLY A 215 -1.17 0.83 23.95
N GLY A 215 1.99 -0.02 22.27
CA GLY A 215 -1.72 2.17 24.03
CA GLY A 215 2.85 0.91 21.57
C GLY A 215 -2.80 2.36 22.97
C GLY A 215 2.21 1.97 20.70
N GLU A 216 -3.21 3.60 22.73
N GLU A 216 1.43 1.55 19.69
CA GLU A 216 -4.20 3.90 21.70
CA GLU A 216 0.81 2.49 18.75
C GLU A 216 -3.62 4.90 20.71
C GLU A 216 -0.15 3.55 19.25
N GLY A 217 -2.47 4.55 20.13
N GLY A 217 0.22 4.21 20.34
CA GLY A 217 -1.80 5.45 19.20
CA GLY A 217 -0.58 5.31 20.83
C GLY A 217 -0.48 5.94 19.79
C GLY A 217 0.18 6.37 20.05
N CYS A 218 0.40 6.48 18.95
N CYS A 218 1.49 6.26 20.13
CA CYS A 218 1.72 6.98 19.36
CA CYS A 218 2.45 7.14 19.46
C CYS A 218 1.72 8.49 19.65
C CYS A 218 2.11 8.62 19.66
N ALA A 219 2.00 8.85 20.89
N ALA A 219 2.30 9.08 20.88
CA ALA A 219 2.05 10.26 21.28
CA ALA A 219 2.07 10.47 21.24
C ALA A 219 0.70 10.93 20.97
C ALA A 219 0.66 11.00 20.96
N GLN A 220 -0.36 10.29 21.41
CA GLN A 220 -1.73 10.75 21.19
C GLN A 220 -2.25 11.41 22.48
N PRO A 221 -2.80 12.62 22.36
CA PRO A 221 -3.33 13.38 23.49
C PRO A 221 -4.19 12.52 24.40
N ASN A 222 -4.01 12.70 25.70
CA ASN A 222 -4.81 11.96 26.69
C ASN A 222 -4.77 10.44 26.65
N ARG A 223 -3.75 9.87 26.02
CA ARG A 223 -3.62 8.41 25.94
C ARG A 223 -2.14 8.02 26.06
N PRO A 224 -1.59 8.11 27.27
CA PRO A 224 -0.18 7.77 27.52
C PRO A 224 0.12 6.29 27.14
N GLY A 225 1.37 6.01 26.78
CA GLY A 225 1.75 4.65 26.45
C GLY A 225 1.54 3.82 27.71
N ILE A 226 1.21 2.55 27.55
CA ILE A 226 1.01 1.66 28.71
C ILE A 226 2.14 0.65 28.72
N TYR A 227 2.68 0.39 29.92
CA TYR A 227 3.80 -0.49 30.07
C TYR A 227 3.46 -1.56 31.08
N THR A 228 4.06 -2.74 30.96
CA THR A 228 3.86 -3.77 31.96
C THR A 228 4.73 -3.31 33.14
N ARG A 229 4.17 -3.30 34.34
CA ARG A 229 4.91 -2.88 35.54
C ARG A 229 5.77 -4.05 36.03
N VAL A 230 7.08 -3.92 35.86
CA VAL A 230 8.06 -4.94 36.22
C VAL A 230 7.99 -5.43 37.68
N THR A 231 7.84 -4.52 38.65
CA THR A 231 7.77 -4.94 40.05
C THR A 231 6.66 -5.96 40.26
N TYR A 232 5.54 -5.77 39.57
CA TYR A 232 4.41 -6.70 39.72
C TYR A 232 4.77 -8.14 39.39
N TYR A 233 5.71 -8.34 38.48
CA TYR A 233 6.08 -9.70 38.08
C TYR A 233 7.45 -10.19 38.56
N LEU A 234 8.02 -9.53 39.57
CA LEU A 234 9.35 -9.94 40.07
C LEU A 234 9.44 -11.40 40.50
N ASP A 235 8.45 -11.88 41.25
CA ASP A 235 8.50 -13.26 41.67
C ASP A 235 8.43 -14.22 40.48
N TRP A 236 7.60 -13.90 39.49
CA TRP A 236 7.47 -14.75 38.31
C TRP A 236 8.82 -14.80 37.58
N ILE A 237 9.42 -13.63 37.39
CA ILE A 237 10.71 -13.53 36.73
C ILE A 237 11.75 -14.36 37.48
N HIS A 238 11.82 -14.15 38.78
CA HIS A 238 12.78 -14.85 39.62
C HIS A 238 12.55 -16.35 39.74
N HIS A 239 11.47 -16.82 39.14
CA HIS A 239 11.21 -18.24 39.18
C HIS A 239 12.03 -18.85 38.06
N TYR A 240 12.43 -18.04 37.11
CA TYR A 240 13.18 -18.58 35.99
C TYR A 240 14.57 -18.03 35.83
N VAL A 241 14.74 -16.76 36.17
CA VAL A 241 16.02 -16.07 36.04
C VAL A 241 16.77 -16.03 37.37
N PRO A 242 17.99 -16.60 37.42
CA PRO A 242 18.80 -16.61 38.66
C PRO A 242 18.99 -15.21 39.22
N ILE B 1 19.75 -4.70 -8.68
CA ILE B 1 20.54 -5.72 -9.46
C ILE B 1 19.89 -7.10 -9.32
N VAL B 2 19.56 -7.73 -10.45
CA VAL B 2 18.95 -9.04 -10.43
C VAL B 2 20.01 -10.07 -10.77
N GLY B 3 20.06 -11.15 -9.99
CA GLY B 3 20.98 -12.23 -10.23
C GLY B 3 22.43 -11.93 -9.93
N GLY B 4 22.72 -10.97 -9.06
CA GLY B 4 24.13 -10.74 -8.85
C GLY B 4 24.59 -11.15 -7.48
N GLN B 5 25.72 -10.59 -7.07
CA GLN B 5 26.23 -10.87 -5.75
C GLN B 5 26.69 -9.55 -5.18
N GLU B 6 26.97 -9.55 -3.87
CA GLU B 6 27.44 -8.37 -3.21
C GLU B 6 28.84 -8.10 -3.74
N ALA B 7 29.15 -6.83 -3.96
CA ALA B 7 30.43 -6.40 -4.49
C ALA B 7 31.55 -6.41 -3.48
N PRO B 8 32.76 -6.82 -3.91
CA PRO B 8 33.91 -6.83 -2.99
C PRO B 8 34.14 -5.33 -2.69
N ARG B 9 34.62 -5.02 -1.50
CA ARG B 9 34.87 -3.63 -1.13
C ARG B 9 35.80 -2.89 -2.09
N SER B 10 36.74 -3.60 -2.68
CA SER B 10 37.67 -2.93 -3.58
C SER B 10 37.12 -2.70 -5.00
N LYS B 11 35.92 -3.15 -5.28
CA LYS B 11 35.40 -2.97 -6.63
C LYS B 11 34.49 -1.77 -6.81
N TRP B 12 34.45 -1.24 -8.04
CA TRP B 12 33.57 -0.13 -8.40
C TRP B 12 33.76 1.11 -7.53
N PRO B 13 35.00 1.62 -7.43
CA PRO B 13 35.22 2.80 -6.59
C PRO B 13 34.53 4.08 -7.09
N TRP B 14 33.99 4.03 -8.30
CA TRP B 14 33.33 5.19 -8.90
C TRP B 14 31.83 5.18 -8.70
N GLN B 15 31.29 4.13 -8.08
CA GLN B 15 29.85 4.08 -7.89
C GLN B 15 29.37 5.15 -6.92
N VAL B 16 28.26 5.81 -7.27
CA VAL B 16 27.71 6.78 -6.34
C VAL B 16 26.21 6.55 -6.22
N SER B 17 25.64 7.10 -5.16
CA SER B 17 24.22 6.99 -4.91
C SER B 17 23.62 8.42 -4.90
N LEU B 18 22.51 8.60 -5.60
CA LEU B 18 21.82 9.89 -5.61
C LEU B 18 20.68 9.80 -4.60
N ARG B 19 20.57 10.81 -3.77
CA ARG B 19 19.55 10.86 -2.71
C ARG B 19 18.60 12.04 -2.87
N VAL B 20 17.33 11.82 -2.55
CA VAL B 20 16.34 12.89 -2.64
C VAL B 20 15.80 13.13 -1.23
N ARG B 21 15.53 14.39 -0.88
CA ARG B 21 15.02 14.74 0.46
C ARG B 21 13.59 14.22 0.69
N ASP B 22 13.41 13.26 1.60
CA ASP B 22 12.09 12.71 1.89
C ASP B 22 12.08 11.98 3.25
N ARG B 23 11.92 12.72 4.35
CA ARG B 23 11.93 12.14 5.72
C ARG B 23 13.34 11.73 6.04
N TYR B 24 14.07 11.30 5.03
CA TYR B 24 15.49 10.98 5.16
C TYR B 24 16.06 11.13 3.75
N TRP B 25 17.38 11.09 3.60
CA TRP B 25 17.96 11.21 2.27
C TRP B 25 17.90 9.86 1.59
N MET B 26 16.81 9.65 0.87
CA MET B 26 16.53 8.38 0.23
C MET B 26 17.18 8.13 -1.12
N HIS B 27 17.74 6.96 -1.29
CA HIS B 27 18.37 6.57 -2.54
C HIS B 27 17.30 6.43 -3.62
N PHE B 28 17.56 6.97 -4.82
CA PHE B 28 16.58 6.81 -5.92
C PHE B 28 17.24 6.48 -7.28
N CYS B 29 18.56 6.63 -7.37
CA CYS B 29 19.28 6.35 -8.62
C CYS B 29 20.77 6.19 -8.34
N GLY B 30 21.48 5.62 -9.30
CA GLY B 30 22.91 5.49 -9.16
C GLY B 30 23.56 6.56 -10.05
N GLY B 31 24.89 6.53 -10.08
CA GLY B 31 25.66 7.46 -10.88
C GLY B 31 27.10 6.98 -10.82
N SER B 32 28.01 7.63 -11.54
CA SER B 32 29.41 7.25 -11.49
C SER B 32 30.26 8.52 -11.41
N LEU B 33 31.40 8.43 -10.71
CA LEU B 33 32.32 9.57 -10.60
C LEU B 33 33.19 9.54 -11.86
N ILE B 34 33.07 10.53 -12.74
CA ILE B 34 33.90 10.51 -13.95
C ILE B 34 34.96 11.59 -13.92
N HIS B 35 34.95 12.40 -12.87
CA HIS B 35 35.93 13.47 -12.65
C HIS B 35 35.80 13.77 -11.15
N PRO B 36 36.88 14.25 -10.48
CA PRO B 36 36.77 14.52 -9.04
C PRO B 36 35.63 15.45 -8.66
N GLN B 37 35.10 16.22 -9.61
CA GLN B 37 34.01 17.14 -9.28
C GLN B 37 32.73 16.91 -10.11
N TRP B 38 32.69 15.81 -10.86
CA TRP B 38 31.54 15.52 -11.74
C TRP B 38 31.00 14.10 -11.68
N VAL B 39 29.68 13.99 -11.57
CA VAL B 39 29.05 12.68 -11.54
C VAL B 39 28.28 12.52 -12.83
N LEU B 40 28.36 11.34 -13.45
CA LEU B 40 27.62 11.07 -14.66
C LEU B 40 26.40 10.25 -14.25
N THR B 41 25.23 10.55 -14.82
CA THR B 41 24.04 9.78 -14.44
C THR B 41 22.97 9.84 -15.55
N ALA B 42 21.76 9.36 -15.27
CA ALA B 42 20.70 9.42 -16.30
C ALA B 42 19.87 10.69 -16.21
N ALA B 43 19.52 11.24 -17.37
CA ALA B 43 18.70 12.44 -17.39
C ALA B 43 17.38 12.17 -16.67
N HIS B 44 16.82 10.97 -16.85
CA HIS B 44 15.54 10.67 -16.24
C HIS B 44 15.54 10.70 -14.72
N CYS B 45 16.73 10.63 -14.12
CA CYS B 45 16.83 10.67 -12.66
C CYS B 45 16.67 12.11 -12.17
N VAL B 46 17.06 13.08 -12.99
CA VAL B 46 16.97 14.47 -12.54
C VAL B 46 16.24 15.35 -13.55
N GLY B 47 15.28 14.79 -14.28
CA GLY B 47 14.55 15.58 -15.26
C GLY B 47 13.46 14.73 -15.89
N PRO B 48 12.81 15.17 -16.97
CA PRO B 48 13.01 16.43 -17.70
C PRO B 48 12.72 17.75 -16.97
N ASP B 49 11.86 17.71 -15.97
CA ASP B 49 11.51 18.92 -15.23
C ASP B 49 12.63 19.38 -14.32
N VAL B 50 12.87 20.69 -14.28
CA VAL B 50 13.94 21.21 -13.46
C VAL B 50 13.57 21.02 -11.98
N LYS B 51 14.52 20.53 -11.20
CA LYS B 51 14.30 20.27 -9.77
C LYS B 51 15.06 21.27 -8.89
N ASP B 52 14.64 21.44 -7.64
CA ASP B 52 15.31 22.33 -6.72
C ASP B 52 16.55 21.57 -6.27
N LEU B 53 17.73 22.13 -6.50
CA LEU B 53 18.96 21.46 -6.10
C LEU B 53 19.06 21.18 -4.60
N ALA B 54 18.32 21.94 -3.79
CA ALA B 54 18.35 21.72 -2.35
C ALA B 54 17.83 20.33 -1.97
N THR B 55 17.06 19.72 -2.87
CA THR B 55 16.47 18.42 -2.60
C THR B 55 17.29 17.23 -3.05
N LEU B 56 18.52 17.47 -3.48
CA LEU B 56 19.36 16.38 -3.97
C LEU B 56 20.70 16.32 -3.27
N ARG B 57 21.21 15.10 -3.11
CA ARG B 57 22.52 14.90 -2.52
C ARG B 57 23.19 13.73 -3.23
N VAL B 58 24.52 13.76 -3.23
CA VAL B 58 25.28 12.69 -3.84
C VAL B 58 26.05 11.98 -2.73
N GLN B 59 26.09 10.67 -2.80
CA GLN B 59 26.86 9.91 -1.81
C GLN B 59 27.90 9.09 -2.57
N LEU B 60 29.17 9.19 -2.18
CA LEU B 60 30.23 8.42 -2.86
C LEU B 60 30.17 6.94 -2.48
N ARG B 61 30.97 6.09 -3.11
CA ARG B 61 30.86 4.68 -2.80
C ARG B 61 30.79 4.27 -1.34
N GLU B 62 29.83 3.43 -1.01
CA GLU B 62 29.75 2.88 0.34
C GLU B 62 29.34 1.43 0.14
N GLN B 63 29.94 0.55 0.92
CA GLN B 63 29.63 -0.87 0.81
C GLN B 63 28.18 -1.14 1.16
N HIS B 64 27.67 -0.40 2.15
CA HIS B 64 26.30 -0.56 2.61
C HIS B 64 25.57 0.78 2.62
N LEU B 65 24.57 0.89 1.76
CA LEU B 65 23.81 2.12 1.64
C LEU B 65 23.28 2.65 2.97
N TYR B 66 23.43 3.96 3.18
CA TYR B 66 22.94 4.66 4.38
C TYR B 66 23.80 4.54 5.65
N TYR B 67 24.68 3.55 5.72
CA TYR B 67 25.43 3.40 6.95
C TYR B 67 26.59 4.34 7.23
N GLN B 68 27.35 4.74 6.22
CA GLN B 68 28.43 5.69 6.54
C GLN B 68 28.28 6.94 5.71
N ASP B 69 27.07 7.49 5.66
CA ASP B 69 26.81 8.66 4.83
C ASP B 69 27.64 9.91 5.06
N GLN B 70 28.06 10.52 3.96
CA GLN B 70 28.79 11.79 3.97
C GLN B 70 28.22 12.45 2.73
N LEU B 71 27.00 12.98 2.87
CA LEU B 71 26.31 13.58 1.76
C LEU B 71 26.96 14.82 1.16
N LEU B 72 26.95 14.90 -0.17
CA LEU B 72 27.57 16.02 -0.87
C LEU B 72 26.55 16.76 -1.69
N PRO B 73 26.42 18.09 -1.49
CA PRO B 73 25.47 18.89 -2.25
C PRO B 73 26.00 19.07 -3.68
N VAL B 74 25.08 19.37 -4.59
CA VAL B 74 25.38 19.53 -5.99
C VAL B 74 25.33 21.02 -6.30
N SER B 75 26.28 21.46 -7.11
CA SER B 75 26.35 22.86 -7.50
C SER B 75 25.59 23.12 -8.77
N ARG B 76 25.56 22.14 -9.66
CA ARG B 76 24.87 22.35 -10.92
C ARG B 76 24.40 21.03 -11.52
N ILE B 77 23.26 21.05 -12.18
CA ILE B 77 22.70 19.88 -12.83
C ILE B 77 22.58 20.22 -14.31
N ILE B 78 23.24 19.43 -15.16
CA ILE B 78 23.19 19.65 -16.59
C ILE B 78 22.57 18.42 -17.25
N VAL B 79 21.40 18.61 -17.84
CA VAL B 79 20.64 17.54 -18.49
C VAL B 79 20.70 17.73 -20.00
N HIS B 80 20.93 16.65 -20.74
CA HIS B 80 20.98 16.78 -22.21
C HIS B 80 19.67 17.39 -22.72
N PRO B 81 19.77 18.47 -23.52
CA PRO B 81 18.58 19.13 -24.06
C PRO B 81 17.68 18.28 -24.96
N GLN B 82 18.21 17.21 -25.56
CA GLN B 82 17.36 16.36 -26.41
C GLN B 82 16.53 15.39 -25.57
N PHE B 83 16.75 15.36 -24.26
CA PHE B 83 15.99 14.45 -23.40
C PHE B 83 14.60 14.90 -23.02
N TYR B 84 13.64 13.99 -23.17
CA TYR B 84 12.27 14.24 -22.71
C TYR B 84 11.76 12.96 -22.02
N ILE B 85 11.87 11.81 -22.71
CA ILE B 85 11.50 10.52 -22.13
C ILE B 85 12.55 9.50 -22.51
N ILE B 86 12.76 8.51 -21.66
CA ILE B 86 13.79 7.51 -21.89
C ILE B 86 13.80 6.80 -23.22
N GLN B 87 12.63 6.40 -23.71
CA GLN B 87 12.60 5.69 -24.99
C GLN B 87 13.06 6.54 -26.17
N THR B 88 13.13 7.85 -26.02
CA THR B 88 13.61 8.60 -27.16
C THR B 88 15.09 8.98 -27.02
N GLY B 89 15.81 8.39 -26.09
CA GLY B 89 17.23 8.68 -26.00
C GLY B 89 17.70 9.93 -25.29
N ALA B 90 18.99 10.20 -25.44
CA ALA B 90 19.66 11.32 -24.79
C ALA B 90 19.44 11.24 -23.29
N ASP B 91 19.31 10.04 -22.77
CA ASP B 91 19.09 9.89 -21.35
C ASP B 91 20.43 9.96 -20.61
N ILE B 92 20.95 11.17 -20.47
CA ILE B 92 22.21 11.35 -19.80
C ILE B 92 22.24 12.72 -19.13
N ALA B 93 22.91 12.82 -18.00
CA ALA B 93 22.98 14.09 -17.27
C ALA B 93 24.28 14.15 -16.49
N LEU B 94 24.68 15.38 -16.14
CA LEU B 94 25.90 15.61 -15.39
C LEU B 94 25.60 16.36 -14.11
N LEU B 95 26.27 15.98 -13.03
CA LEU B 95 26.09 16.69 -11.77
C LEU B 95 27.46 17.24 -11.39
N GLU B 96 27.56 18.55 -11.23
CA GLU B 96 28.84 19.14 -10.83
C GLU B 96 28.75 19.29 -9.32
N LEU B 97 29.71 18.72 -8.61
CA LEU B 97 29.69 18.80 -7.15
C LEU B 97 30.13 20.19 -6.66
N GLU B 98 29.72 20.58 -5.46
CA GLU B 98 30.09 21.87 -4.91
C GLU B 98 31.63 21.92 -4.79
N GLU B 99 32.24 20.78 -4.46
CA GLU B 99 33.69 20.68 -4.30
C GLU B 99 34.24 19.38 -4.88
N PRO B 100 35.49 19.41 -5.36
CA PRO B 100 36.09 18.18 -5.91
C PRO B 100 36.22 17.21 -4.73
N VAL B 101 36.14 15.91 -4.97
CA VAL B 101 36.27 14.98 -3.86
C VAL B 101 37.69 14.45 -3.77
N ASN B 102 38.03 13.85 -2.65
CA ASN B 102 39.36 13.27 -2.50
C ASN B 102 39.41 11.99 -3.29
N ILE B 103 40.52 11.80 -3.96
CA ILE B 103 40.72 10.63 -4.79
C ILE B 103 41.61 9.62 -4.07
N SER B 104 41.14 8.39 -3.91
CA SER B 104 41.93 7.34 -3.26
C SER B 104 41.69 6.02 -3.97
N SER B 105 42.23 4.94 -3.41
CA SER B 105 42.05 3.65 -4.05
C SER B 105 40.62 3.16 -3.90
N ARG B 106 39.96 3.57 -2.82
CA ARG B 106 38.59 3.15 -2.59
C ARG B 106 37.57 4.06 -3.28
N VAL B 107 37.97 5.29 -3.58
CA VAL B 107 37.06 6.21 -4.22
C VAL B 107 37.79 6.96 -5.33
N HIS B 108 37.42 6.65 -6.58
CA HIS B 108 38.06 7.34 -7.69
C HIS B 108 37.24 7.25 -8.98
N THR B 109 37.71 7.93 -10.01
CA THR B 109 36.96 7.98 -11.25
C THR B 109 37.02 6.76 -12.16
N VAL B 110 36.02 6.62 -13.02
CA VAL B 110 36.02 5.53 -13.99
C VAL B 110 36.36 6.27 -15.27
N MET B 111 37.10 5.60 -16.15
CA MET B 111 37.48 6.16 -17.45
C MET B 111 36.34 6.04 -18.44
N LEU B 112 36.18 7.06 -19.29
CA LEU B 112 35.17 7.02 -20.33
C LEU B 112 35.86 6.32 -21.50
N PRO B 113 35.08 5.67 -22.37
CA PRO B 113 35.67 4.97 -23.51
C PRO B 113 36.06 5.85 -24.68
N PRO B 114 36.99 5.34 -25.52
CA PRO B 114 37.41 6.12 -26.68
C PRO B 114 36.21 6.05 -27.62
N ALA B 115 36.07 7.06 -28.47
CA ALA B 115 34.93 7.13 -29.40
C ALA B 115 34.79 5.91 -30.29
N SER B 116 35.88 5.22 -30.55
CA SER B 116 35.87 4.05 -31.41
C SER B 116 35.42 2.72 -30.76
N GLU B 117 35.25 2.70 -29.45
CA GLU B 117 34.86 1.45 -28.80
C GLU B 117 33.37 1.20 -28.95
N THR B 118 32.99 0.12 -29.63
CA THR B 118 31.58 -0.20 -29.82
C THR B 118 31.04 -1.24 -28.82
N PHE B 119 31.91 -1.83 -28.01
CA PHE B 119 31.46 -2.83 -27.03
C PHE B 119 30.58 -3.91 -27.65
N PRO B 120 31.15 -4.70 -28.56
CA PRO B 120 30.38 -5.76 -29.22
C PRO B 120 30.07 -6.95 -28.29
N PRO B 121 29.12 -7.80 -28.70
CA PRO B 121 28.72 -8.97 -27.92
C PRO B 121 30.00 -9.74 -27.60
N GLY B 122 30.09 -10.31 -26.40
CA GLY B 122 31.27 -11.04 -25.99
C GLY B 122 32.08 -10.27 -24.95
N MET B 123 31.99 -8.95 -25.02
CA MET B 123 32.69 -8.09 -24.06
C MET B 123 32.25 -8.41 -22.63
N PRO B 124 33.21 -8.54 -21.69
CA PRO B 124 32.86 -8.82 -20.31
C PRO B 124 32.49 -7.50 -19.64
N CYS B 125 31.24 -7.40 -19.21
CA CYS B 125 30.75 -6.18 -18.59
C CYS B 125 29.89 -6.44 -17.37
N TRP B 126 29.88 -5.48 -16.46
CA TRP B 126 29.10 -5.57 -15.25
C TRP B 126 28.29 -4.30 -15.00
N VAL B 127 27.11 -4.44 -14.41
CA VAL B 127 26.33 -3.27 -14.05
C VAL B 127 26.25 -3.36 -12.52
N THR B 128 26.28 -2.23 -11.83
CA THR B 128 26.26 -2.26 -10.38
C THR B 128 25.24 -1.29 -9.79
N GLY B 129 24.81 -1.55 -8.56
CA GLY B 129 23.85 -0.66 -7.94
C GLY B 129 23.17 -1.25 -6.73
N TRP B 130 22.31 -0.44 -6.12
CA TRP B 130 21.59 -0.84 -4.92
C TRP B 130 20.10 -1.00 -5.20
N GLY B 131 19.73 -1.25 -6.46
CA GLY B 131 18.32 -1.38 -6.77
C GLY B 131 17.73 -2.71 -6.35
N ASP B 132 16.47 -2.92 -6.72
CA ASP B 132 15.74 -4.16 -6.38
C ASP B 132 16.44 -5.41 -6.90
N VAL B 133 16.33 -6.50 -6.17
CA VAL B 133 16.97 -7.75 -6.55
C VAL B 133 16.07 -8.56 -7.48
N ASP B 134 14.85 -8.07 -7.69
CA ASP B 134 13.90 -8.65 -8.62
C ASP B 134 12.68 -7.75 -8.68
N ASN B 135 11.78 -8.03 -9.60
CA ASN B 135 10.59 -7.18 -9.71
C ASN B 135 9.88 -7.08 -8.35
N ASP B 136 9.62 -5.85 -7.92
CA ASP B 136 8.96 -5.60 -6.65
C ASP B 136 9.62 -6.25 -5.45
N GLU B 137 10.94 -6.47 -5.51
CA GLU B 137 11.70 -7.09 -4.43
C GLU B 137 12.89 -6.19 -4.10
N PRO B 138 12.73 -5.29 -3.12
CA PRO B 138 13.82 -4.38 -2.75
C PRO B 138 15.02 -5.07 -2.11
N LEU B 139 16.17 -4.43 -2.25
CA LEU B 139 17.42 -4.95 -1.68
C LEU B 139 17.22 -4.89 -0.17
N PRO B 140 17.39 -6.02 0.52
CA PRO B 140 17.19 -5.99 1.97
C PRO B 140 18.32 -5.31 2.74
N PRO B 141 18.01 -4.81 3.96
CA PRO B 141 19.04 -4.16 4.77
C PRO B 141 20.07 -5.28 5.01
N PRO B 142 21.36 -4.95 5.22
CA PRO B 142 21.98 -3.63 5.29
C PRO B 142 22.34 -3.00 3.95
N PHE B 143 21.62 -3.36 2.90
CA PHE B 143 21.82 -2.75 1.58
C PHE B 143 23.22 -2.79 0.93
N PRO B 144 23.76 -3.98 0.71
CA PRO B 144 25.09 -4.06 0.09
C PRO B 144 25.06 -3.65 -1.38
N LEU B 145 26.15 -3.05 -1.85
CA LEU B 145 26.23 -2.68 -3.26
C LEU B 145 26.32 -4.02 -3.98
N LYS B 146 25.54 -4.22 -5.04
CA LYS B 146 25.58 -5.48 -5.78
C LYS B 146 26.14 -5.30 -7.19
N GLN B 147 26.52 -6.43 -7.79
CA GLN B 147 27.07 -6.40 -9.15
C GLN B 147 26.60 -7.63 -9.87
N VAL B 148 26.53 -7.52 -11.19
CA VAL B 148 26.17 -8.67 -12.01
C VAL B 148 26.78 -8.50 -13.39
N LYS B 149 27.32 -9.62 -13.91
CA LYS B 149 27.90 -9.67 -15.23
C LYS B 149 26.75 -9.80 -16.22
N VAL B 150 26.68 -8.91 -17.20
CA VAL B 150 25.60 -8.96 -18.18
C VAL B 150 26.14 -9.04 -19.59
N PRO B 151 25.60 -9.94 -20.41
CA PRO B 151 26.03 -10.11 -21.80
C PRO B 151 25.46 -8.98 -22.67
N ILE B 152 26.29 -8.50 -23.58
CA ILE B 152 25.95 -7.44 -24.50
C ILE B 152 25.22 -8.05 -25.67
N MET B 153 24.15 -7.41 -26.12
CA MET B 153 23.43 -7.89 -27.29
C MET B 153 23.58 -6.80 -28.35
N GLU B 154 24.07 -7.13 -29.55
CA GLU B 154 24.23 -6.13 -30.61
C GLU B 154 22.91 -5.36 -30.82
N ASN B 155 22.98 -4.06 -31.10
CA ASN B 155 21.78 -3.22 -31.27
C ASN B 155 20.65 -3.73 -32.17
N HIS B 156 21.00 -4.17 -33.37
CA HIS B 156 20.00 -4.65 -34.31
C HIS B 156 19.29 -5.89 -33.78
N ILE B 157 20.05 -6.78 -33.16
CA ILE B 157 19.52 -8.02 -32.59
C ILE B 157 18.59 -7.62 -31.46
N CYS B 158 19.02 -6.66 -30.66
CA CYS B 158 18.22 -6.21 -29.55
C CYS B 158 16.93 -5.53 -30.04
N ASP B 159 17.05 -4.71 -31.06
CA ASP B 159 15.89 -4.03 -31.62
C ASP B 159 14.87 -5.07 -32.08
N ALA B 160 15.36 -6.15 -32.70
CA ALA B 160 14.49 -7.22 -33.17
C ALA B 160 13.85 -7.92 -31.97
N LYS B 161 14.60 -8.14 -30.90
CA LYS B 161 14.02 -8.79 -29.73
C LYS B 161 12.83 -7.96 -29.19
N TYR B 162 13.01 -6.64 -29.15
CA TYR B 162 11.95 -5.79 -28.63
C TYR B 162 10.68 -5.84 -29.48
N HIS B 163 10.81 -6.18 -30.76
CA HIS B 163 9.64 -6.26 -31.60
C HIS B 163 8.97 -7.63 -31.46
N LEU B 164 9.69 -8.60 -30.93
CA LEU B 164 9.15 -9.95 -30.73
C LEU B 164 7.98 -9.91 -29.75
N GLY B 165 6.81 -10.34 -30.16
CA GLY B 165 5.69 -10.31 -29.23
C GLY B 165 5.08 -8.92 -29.07
N ALA B 166 5.36 -8.02 -30.00
CA ALA B 166 4.81 -6.65 -29.96
C ALA B 166 4.13 -6.28 -31.30
N TYR B 167 3.18 -5.33 -31.24
CA TYR B 167 2.45 -4.83 -32.41
C TYR B 167 3.26 -3.84 -33.21
N THR B 168 4.27 -3.25 -32.58
CA THR B 168 5.05 -2.21 -33.26
C THR B 168 5.67 -2.71 -34.57
N GLY B 169 5.56 -1.90 -35.62
CA GLY B 169 6.11 -2.31 -36.90
C GLY B 169 7.61 -2.49 -36.90
N ASP B 170 8.11 -3.42 -37.70
CA ASP B 170 9.54 -3.66 -37.78
C ASP B 170 10.29 -2.42 -38.23
N ASP B 171 9.70 -1.68 -39.17
CA ASP B 171 10.36 -0.49 -39.66
C ASP B 171 10.40 0.61 -38.61
N VAL B 172 9.78 0.36 -37.47
CA VAL B 172 9.77 1.34 -36.38
C VAL B 172 10.89 0.95 -35.39
N ARG B 173 11.92 1.78 -35.32
CA ARG B 173 13.07 1.52 -34.47
C ARG B 173 12.77 1.79 -32.99
N ILE B 174 12.99 0.78 -32.17
CA ILE B 174 12.79 0.89 -30.74
C ILE B 174 14.13 1.18 -30.08
N ILE B 175 15.15 0.43 -30.45
CA ILE B 175 16.48 0.63 -29.88
C ILE B 175 17.26 1.54 -30.81
N ARG B 176 17.60 2.74 -30.33
CA ARG B 176 18.32 3.74 -31.11
C ARG B 176 19.84 3.63 -31.08
N ASP B 177 20.52 4.37 -31.95
CA ASP B 177 21.98 4.33 -32.03
C ASP B 177 22.68 4.91 -30.80
N ASP B 178 21.98 5.68 -30.00
CA ASP B 178 22.62 6.21 -28.81
C ASP B 178 22.31 5.29 -27.62
N MET B 179 21.90 4.06 -27.91
CA MET B 179 21.60 3.09 -26.86
C MET B 179 22.48 1.86 -26.99
N LEU B 180 22.50 1.06 -25.93
CA LEU B 180 23.30 -0.17 -25.91
C LEU B 180 22.48 -1.15 -25.09
N CYS B 181 22.47 -2.41 -25.49
CA CYS B 181 21.69 -3.44 -24.78
C CYS B 181 22.53 -4.47 -24.03
N ALA B 182 22.15 -4.79 -22.81
CA ALA B 182 22.87 -5.79 -22.03
C ALA B 182 21.95 -6.50 -21.05
N GLY B 183 22.29 -7.76 -20.73
CA GLY B 183 21.50 -8.53 -19.79
C GLY B 183 20.64 -9.61 -20.38
N ASN B 184 20.13 -10.51 -19.54
CA ASN B 184 19.24 -11.57 -20.03
C ASN B 184 18.18 -11.87 -18.98
N SER B 185 17.47 -12.99 -19.14
CA SER B 185 16.43 -13.32 -18.19
C SER B 185 16.92 -13.63 -16.77
N GLN B 186 18.23 -13.71 -16.56
CA GLN B 186 18.71 -13.98 -15.21
C GLN B 186 19.60 -12.88 -14.64
N ARG B 187 20.11 -12.01 -15.50
CA ARG B 187 21.03 -10.94 -15.09
C ARG B 187 20.59 -9.59 -15.64
N ASP B 188 20.38 -8.62 -14.76
CA ASP B 188 19.90 -7.33 -15.22
C ASP B 188 19.92 -6.32 -14.09
N SER B 189 19.64 -5.07 -14.42
CA SER B 189 19.55 -4.04 -13.38
C SER B 189 18.05 -3.99 -13.03
N CYS B 190 17.68 -3.34 -11.93
CA CYS B 190 16.26 -3.24 -11.58
C CYS B 190 16.02 -1.90 -10.85
N LYS B 191 14.77 -1.60 -10.51
CA LYS B 191 14.37 -0.34 -9.86
C LYS B 191 15.37 0.14 -8.80
N GLY B 192 15.97 1.30 -9.04
CA GLY B 192 16.93 1.88 -8.12
C GLY B 192 18.36 1.86 -8.65
N ASP B 193 18.58 1.11 -9.73
CA ASP B 193 19.90 1.02 -10.35
C ASP B 193 20.07 2.08 -11.43
N SER B 194 18.95 2.65 -11.88
CA SER B 194 18.96 3.67 -12.93
C SER B 194 19.98 4.76 -12.70
N GLY B 195 20.61 5.21 -13.79
CA GLY B 195 21.62 6.25 -13.66
C GLY B 195 23.00 5.71 -13.33
N GLY B 196 23.07 4.46 -12.86
CA GLY B 196 24.36 3.87 -12.51
C GLY B 196 25.15 3.41 -13.74
N PRO B 197 26.38 2.89 -13.54
CA PRO B 197 27.21 2.45 -14.65
C PRO B 197 27.18 1.02 -15.12
N LEU B 198 27.52 0.87 -16.39
CA LEU B 198 27.70 -0.43 -17.03
C LEU B 198 29.17 -0.29 -17.43
N VAL B 199 30.05 -1.05 -16.79
CA VAL B 199 31.46 -0.96 -17.14
C VAL B 199 31.95 -2.24 -17.77
N CYS B 200 32.83 -2.12 -18.77
CA CYS B 200 33.39 -3.28 -19.45
C CYS B 200 34.91 -3.25 -19.35
N LYS B 201 35.52 -4.43 -19.29
CA LYS B 201 36.96 -4.54 -19.18
C LYS B 201 37.53 -4.67 -20.58
N VAL B 202 38.37 -3.72 -20.95
CA VAL B 202 38.98 -3.72 -22.26
C VAL B 202 40.48 -3.67 -22.05
N ASN B 203 41.17 -4.75 -22.46
CA ASN B 203 42.61 -4.84 -22.31
C ASN B 203 43.05 -4.46 -20.90
N GLY B 204 42.44 -5.09 -19.91
CA GLY B 204 42.79 -4.82 -18.52
C GLY B 204 42.35 -3.49 -17.92
N THR B 205 41.57 -2.69 -18.66
CA THR B 205 41.10 -1.39 -18.16
C THR B 205 39.59 -1.29 -18.18
N TRP B 206 39.04 -0.74 -17.11
CA TRP B 206 37.61 -0.55 -16.98
C TRP B 206 37.21 0.72 -17.71
N LEU B 207 36.18 0.60 -18.55
CA LEU B 207 35.67 1.76 -19.29
C LEU B 207 34.15 1.74 -19.09
N GLN B 208 33.57 2.91 -18.84
CA GLN B 208 32.13 2.97 -18.72
C GLN B 208 31.48 3.03 -20.10
N ALA B 209 30.86 1.92 -20.50
CA ALA B 209 30.16 1.80 -21.78
C ALA B 209 28.76 2.37 -21.77
N GLY B 210 28.09 2.30 -20.62
CA GLY B 210 26.72 2.79 -20.58
C GLY B 210 26.18 3.35 -19.27
N VAL B 211 25.01 3.97 -19.34
CA VAL B 211 24.34 4.50 -18.15
C VAL B 211 22.99 3.76 -18.13
N VAL B 212 22.66 3.13 -17.02
N VAL B 212 22.62 3.17 -17.01
CA VAL B 212 21.40 2.39 -16.90
CA VAL B 212 21.36 2.45 -16.94
C VAL B 212 20.27 3.37 -17.25
C VAL B 212 20.20 3.41 -17.26
N SER B 213 19.52 3.04 -18.30
N SER B 213 19.55 3.19 -18.40
CA SER B 213 18.45 3.91 -18.77
CA SER B 213 18.43 4.05 -18.84
C SER B 213 17.03 3.35 -18.68
C SER B 213 17.10 3.41 -18.49
N TRP B 214 16.73 2.29 -19.40
N TRP B 214 16.82 2.25 -19.08
CA TRP B 214 15.37 1.76 -19.27
CA TRP B 214 15.58 1.54 -18.77
C TRP B 214 15.25 0.31 -19.66
C TRP B 214 15.93 0.46 -17.76
N GLY B 215 14.02 -0.19 -19.63
N GLY B 215 15.41 0.60 -16.54
CA GLY B 215 13.80 -1.58 -19.96
CA GLY B 215 15.70 -0.35 -15.49
C GLY B 215 12.32 -1.88 -19.86
C GLY B 215 14.75 -1.50 -15.17
N GLU B 216 11.93 -3.14 -20.01
N GLU B 216 13.51 -1.20 -14.77
CA GLU B 216 10.51 -3.47 -19.93
CA GLU B 216 12.55 -2.24 -14.39
C GLU B 216 10.20 -4.34 -18.74
C GLU B 216 12.15 -3.29 -15.40
N GLY B 217 11.11 -4.36 -17.78
N GLY B 217 13.07 -3.67 -16.27
CA GLY B 217 10.94 -5.19 -16.61
CA GLY B 217 12.75 -4.74 -17.18
C GLY B 217 12.30 -5.73 -16.26
C GLY B 217 12.96 -5.86 -16.18
N CYS B 218 12.49 -6.13 -15.01
N CYS B 218 14.02 -5.69 -15.40
CA CYS B 218 13.79 -6.63 -14.57
CA CYS B 218 14.43 -6.63 -14.36
C CYS B 218 14.09 -8.07 -15.00
C CYS B 218 14.39 -8.07 -14.85
N ALA B 219 15.12 -8.24 -15.83
N ALA B 219 15.36 -8.40 -15.68
CA ALA B 219 15.52 -9.56 -16.29
CA ALA B 219 15.51 -9.74 -16.22
C ALA B 219 14.34 -10.27 -16.94
C ALA B 219 14.28 -10.32 -16.92
N GLN B 220 13.69 -9.60 -17.86
CA GLN B 220 12.54 -10.14 -18.56
C GLN B 220 12.98 -10.71 -19.93
N PRO B 221 12.44 -11.89 -20.30
CA PRO B 221 12.78 -12.55 -21.57
C PRO B 221 12.54 -11.62 -22.77
N ASN B 222 13.49 -11.61 -23.70
CA ASN B 222 13.44 -10.79 -24.91
C ASN B 222 13.33 -9.28 -24.70
N ARG B 223 13.73 -8.82 -23.51
CA ARG B 223 13.70 -7.41 -23.18
C ARG B 223 14.97 -7.06 -22.37
N PRO B 224 16.13 -7.10 -23.01
CA PRO B 224 17.40 -6.80 -22.35
C PRO B 224 17.38 -5.38 -21.77
N GLY B 225 18.23 -5.12 -20.77
CA GLY B 225 18.30 -3.79 -20.19
C GLY B 225 18.84 -2.82 -21.25
N ILE B 226 18.35 -1.59 -21.27
CA ILE B 226 18.81 -0.62 -22.28
C ILE B 226 19.60 0.44 -21.52
N TYR B 227 20.74 0.80 -22.08
CA TYR B 227 21.64 1.78 -21.48
C TYR B 227 21.92 2.89 -22.47
N THR B 228 22.25 4.06 -21.97
CA THR B 228 22.63 5.15 -22.86
C THR B 228 24.06 4.83 -23.23
N ARG B 229 24.37 4.88 -24.51
CA ARG B 229 25.70 4.57 -25.00
C ARG B 229 26.63 5.76 -24.77
N VAL B 230 27.52 5.67 -23.80
CA VAL B 230 28.39 6.80 -23.47
C VAL B 230 29.20 7.40 -24.64
N THR B 231 29.75 6.58 -25.53
CA THR B 231 30.53 7.12 -26.64
C THR B 231 29.75 8.10 -27.48
N TYR B 232 28.44 7.88 -27.59
CA TYR B 232 27.63 8.78 -28.39
C TYR B 232 27.60 10.20 -27.85
N TYR B 233 27.78 10.36 -26.54
CA TYR B 233 27.72 11.68 -25.91
C TYR B 233 29.04 12.28 -25.40
N LEU B 234 30.16 11.75 -25.88
CA LEU B 234 31.46 12.25 -25.46
C LEU B 234 31.63 13.76 -25.76
N ASP B 235 31.27 14.19 -26.97
CA ASP B 235 31.39 15.60 -27.29
C ASP B 235 30.61 16.47 -26.28
N TRP B 236 29.38 16.09 -25.99
CA TRP B 236 28.57 16.83 -25.03
C TRP B 236 29.23 16.79 -23.63
N ILE B 237 29.64 15.62 -23.17
CA ILE B 237 30.26 15.52 -21.86
C ILE B 237 31.51 16.42 -21.78
N HIS B 238 32.37 16.34 -22.79
CA HIS B 238 33.62 17.13 -22.83
C HIS B 238 33.36 18.63 -22.86
N HIS B 239 32.12 19.02 -23.15
CA HIS B 239 31.77 20.44 -23.17
C HIS B 239 31.69 20.98 -21.74
N TYR B 240 31.50 20.09 -20.77
CA TYR B 240 31.38 20.50 -19.37
C TYR B 240 32.47 19.93 -18.46
N VAL B 241 32.86 18.70 -18.68
CA VAL B 241 33.85 18.07 -17.82
C VAL B 241 35.28 18.17 -18.35
N PRO B 242 36.23 18.66 -17.53
CA PRO B 242 37.65 18.80 -17.94
C PRO B 242 38.29 17.45 -18.24
N ILE C 1 -12.12 10.94 -14.27
CA ILE C 1 -12.53 12.34 -14.61
C ILE C 1 -12.39 13.25 -13.40
N VAL C 2 -11.61 14.31 -13.57
CA VAL C 2 -11.35 15.27 -12.50
C VAL C 2 -12.19 16.52 -12.68
N GLY C 3 -12.90 16.90 -11.63
CA GLY C 3 -13.71 18.10 -11.66
C GLY C 3 -15.00 18.02 -12.43
N GLY C 4 -15.54 16.82 -12.59
CA GLY C 4 -16.77 16.72 -13.34
C GLY C 4 -17.99 16.33 -12.56
N GLN C 5 -18.98 15.78 -13.25
CA GLN C 5 -20.20 15.36 -12.61
C GLN C 5 -20.63 14.03 -13.23
N GLU C 6 -21.54 13.33 -12.54
CA GLU C 6 -22.05 12.08 -13.04
C GLU C 6 -22.80 12.40 -14.33
N ALA C 7 -22.62 11.58 -15.35
CA ALA C 7 -23.30 11.83 -16.61
C ALA C 7 -24.75 11.38 -16.58
N PRO C 8 -25.64 12.12 -17.25
CA PRO C 8 -27.07 11.74 -17.29
C PRO C 8 -27.16 10.43 -18.08
N ARG C 9 -28.11 9.59 -17.72
CA ARG C 9 -28.31 8.31 -18.38
C ARG C 9 -28.33 8.40 -19.91
N SER C 10 -28.99 9.42 -20.44
CA SER C 10 -29.05 9.50 -21.91
C SER C 10 -27.83 10.09 -22.61
N LYS C 11 -26.77 10.40 -21.89
CA LYS C 11 -25.59 10.99 -22.53
C LYS C 11 -24.46 10.00 -22.81
N TRP C 12 -23.76 10.22 -23.93
CA TRP C 12 -22.60 9.41 -24.29
C TRP C 12 -22.94 7.93 -24.48
N PRO C 13 -23.87 7.62 -25.40
CA PRO C 13 -24.27 6.23 -25.65
C PRO C 13 -23.18 5.36 -26.28
N TRP C 14 -22.10 6.01 -26.72
CA TRP C 14 -20.98 5.34 -27.37
C TRP C 14 -19.87 4.96 -26.40
N GLN C 15 -19.98 5.41 -25.16
CA GLN C 15 -18.92 5.10 -24.21
C GLN C 15 -18.82 3.59 -23.90
N VAL C 16 -17.60 3.08 -23.81
CA VAL C 16 -17.44 1.67 -23.43
C VAL C 16 -16.35 1.54 -22.38
N SER C 17 -16.41 0.44 -21.64
CA SER C 17 -15.45 0.14 -20.60
C SER C 17 -14.72 -1.12 -21.05
N LEU C 18 -13.39 -1.12 -20.92
CA LEU C 18 -12.56 -2.28 -21.25
C LEU C 18 -12.23 -2.95 -19.94
N ARG C 19 -12.38 -4.27 -19.89
CA ARG C 19 -12.12 -5.01 -18.67
C ARG C 19 -11.00 -6.03 -18.80
N VAL C 20 -10.23 -6.22 -17.73
CA VAL C 20 -9.16 -7.21 -17.72
C VAL C 20 -9.49 -8.25 -16.65
N ARG C 21 -9.22 -9.51 -16.97
CA ARG C 21 -9.51 -10.60 -16.06
C ARG C 21 -8.67 -10.49 -14.80
N ASP C 22 -9.33 -10.31 -13.67
CA ASP C 22 -8.65 -10.20 -12.39
C ASP C 22 -9.51 -11.02 -11.43
N ARG C 23 -9.66 -10.56 -10.17
CA ARG C 23 -10.54 -11.30 -9.24
C ARG C 23 -11.96 -11.06 -9.69
N TYR C 24 -12.08 -10.16 -10.67
CA TYR C 24 -13.36 -9.81 -11.31
C TYR C 24 -12.94 -9.15 -12.64
N TRP C 25 -13.91 -8.84 -13.51
CA TRP C 25 -13.60 -8.17 -14.76
C TRP C 25 -13.46 -6.68 -14.46
N MET C 26 -12.25 -6.32 -14.08
CA MET C 26 -11.89 -4.97 -13.66
C MET C 26 -11.69 -3.96 -14.77
N HIS C 27 -12.28 -2.78 -14.60
CA HIS C 27 -12.15 -1.72 -15.57
C HIS C 27 -10.71 -1.22 -15.58
N PHE C 28 -10.14 -0.95 -16.75
CA PHE C 28 -8.78 -0.41 -16.82
C PHE C 28 -8.66 0.66 -17.89
N CYS C 29 -9.64 0.75 -18.78
CA CYS C 29 -9.57 1.76 -19.82
C CYS C 29 -10.92 2.00 -20.44
N GLY C 30 -11.03 3.14 -21.11
CA GLY C 30 -12.25 3.47 -21.81
C GLY C 30 -12.04 3.20 -23.29
N GLY C 31 -13.13 3.44 -24.03
CA GLY C 31 -13.15 3.27 -25.47
C GLY C 31 -14.47 3.87 -25.97
N SER C 32 -14.68 3.85 -27.28
CA SER C 32 -15.91 4.38 -27.86
C SER C 32 -16.35 3.48 -29.01
N LEU C 33 -17.66 3.31 -29.15
CA LEU C 33 -18.25 2.49 -30.24
C LEU C 33 -18.31 3.42 -31.44
N ILE C 34 -17.51 3.16 -32.48
CA ILE C 34 -17.51 4.03 -33.66
C ILE C 34 -18.22 3.35 -34.84
N HIS C 35 -18.61 2.11 -34.63
CA HIS C 35 -19.32 1.28 -35.61
C HIS C 35 -19.97 0.17 -34.79
N PRO C 36 -21.11 -0.36 -35.23
CA PRO C 36 -21.77 -1.43 -34.47
C PRO C 36 -20.84 -2.58 -34.08
N GLN C 37 -19.75 -2.78 -34.81
CA GLN C 37 -18.85 -3.88 -34.47
C GLN C 37 -17.43 -3.47 -34.16
N TRP C 38 -17.21 -2.18 -33.98
CA TRP C 38 -15.86 -1.69 -33.70
C TRP C 38 -15.74 -0.67 -32.58
N VAL C 39 -14.79 -0.93 -31.69
CA VAL C 39 -14.52 -0.01 -30.59
C VAL C 39 -13.19 0.70 -30.85
N LEU C 40 -13.17 2.01 -30.68
CA LEU C 40 -11.96 2.79 -30.84
C LEU C 40 -11.37 3.01 -29.43
N THR C 41 -10.08 2.79 -29.24
CA THR C 41 -9.50 3.03 -27.90
C THR C 41 -8.06 3.45 -28.14
N ALA C 42 -7.25 3.52 -27.07
CA ALA C 42 -5.84 3.91 -27.20
C ALA C 42 -4.99 2.66 -27.30
N ALA C 43 -3.94 2.70 -28.13
CA ALA C 43 -3.04 1.57 -28.25
C ALA C 43 -2.40 1.21 -26.92
N HIS C 44 -2.06 2.22 -26.12
CA HIS C 44 -1.37 1.93 -24.85
C HIS C 44 -2.22 1.12 -23.87
N CYS C 45 -3.53 1.06 -24.12
CA CYS C 45 -4.44 0.27 -23.28
C CYS C 45 -4.28 -1.22 -23.58
N VAL C 46 -3.82 -1.54 -24.78
CA VAL C 46 -3.69 -2.92 -25.20
C VAL C 46 -2.32 -3.29 -25.77
N GLY C 47 -1.35 -2.39 -25.69
CA GLY C 47 -0.03 -2.69 -26.23
C GLY C 47 1.03 -1.82 -25.59
N PRO C 48 2.22 -1.70 -26.21
CA PRO C 48 2.62 -2.32 -27.47
C PRO C 48 2.78 -3.83 -27.49
N ASP C 49 2.88 -4.48 -26.34
CA ASP C 49 3.05 -5.93 -26.37
C ASP C 49 1.72 -6.62 -26.57
N VAL C 50 1.75 -7.73 -27.31
CA VAL C 50 0.54 -8.47 -27.60
C VAL C 50 0.02 -9.19 -26.36
N LYS C 51 -1.27 -9.02 -26.06
CA LYS C 51 -1.84 -9.70 -24.91
C LYS C 51 -2.83 -10.74 -25.35
N ASP C 52 -3.07 -11.70 -24.47
CA ASP C 52 -3.99 -12.79 -24.72
C ASP C 52 -5.40 -12.24 -24.67
N LEU C 53 -6.13 -12.34 -25.78
CA LEU C 53 -7.50 -11.82 -25.82
C LEU C 53 -8.40 -12.43 -24.78
N ALA C 54 -8.07 -13.63 -24.33
CA ALA C 54 -8.89 -14.29 -23.34
C ALA C 54 -9.01 -13.44 -22.08
N THR C 55 -8.02 -12.58 -21.83
CA THR C 55 -8.07 -11.75 -20.63
C THR C 55 -8.77 -10.40 -20.81
N LEU C 56 -9.51 -10.22 -21.90
CA LEU C 56 -10.16 -8.93 -22.14
C LEU C 56 -11.63 -9.03 -22.49
N ARG C 57 -12.42 -8.07 -22.04
CA ARG C 57 -13.84 -8.03 -22.37
C ARG C 57 -14.23 -6.57 -22.59
N VAL C 58 -15.26 -6.33 -23.38
CA VAL C 58 -15.73 -4.98 -23.63
C VAL C 58 -17.09 -4.87 -22.96
N GLN C 59 -17.38 -3.73 -22.33
CA GLN C 59 -18.69 -3.50 -21.71
C GLN C 59 -19.25 -2.23 -22.36
N LEU C 60 -20.47 -2.30 -22.89
CA LEU C 60 -21.07 -1.14 -23.55
C LEU C 60 -21.63 -0.17 -22.50
N ARG C 61 -22.12 0.98 -22.95
CA ARG C 61 -22.63 2.00 -22.05
C ARG C 61 -23.43 1.50 -20.84
N GLU C 62 -22.96 1.80 -19.65
CA GLU C 62 -23.71 1.44 -18.46
C GLU C 62 -23.53 2.64 -17.54
N GLN C 63 -24.54 2.92 -16.72
CA GLN C 63 -24.49 4.07 -15.82
C GLN C 63 -23.51 3.85 -14.65
N HIS C 64 -23.46 2.63 -14.12
CA HIS C 64 -22.56 2.29 -13.01
C HIS C 64 -21.75 1.03 -13.35
N LEU C 65 -20.45 1.11 -13.29
CA LEU C 65 -19.64 -0.05 -13.58
C LEU C 65 -19.95 -1.25 -12.70
N TYR C 66 -19.88 -2.43 -13.31
CA TYR C 66 -20.07 -3.71 -12.62
C TYR C 66 -21.48 -4.11 -12.24
N TYR C 67 -22.37 -3.15 -12.08
CA TYR C 67 -23.74 -3.46 -11.68
C TYR C 67 -24.49 -4.34 -12.64
N GLN C 68 -24.64 -3.92 -13.89
CA GLN C 68 -25.38 -4.79 -14.78
C GLN C 68 -24.57 -5.16 -16.00
N ASP C 69 -23.40 -5.75 -15.77
CA ASP C 69 -22.53 -6.14 -16.86
C ASP C 69 -23.07 -7.17 -17.84
N GLN C 70 -22.75 -6.98 -19.11
CA GLN C 70 -23.10 -7.90 -20.20
C GLN C 70 -21.84 -7.82 -21.05
N LEU C 71 -20.80 -8.51 -20.58
CA LEU C 71 -19.49 -8.48 -21.20
C LEU C 71 -19.38 -9.10 -22.60
N LEU C 72 -18.62 -8.43 -23.46
CA LEU C 72 -18.45 -8.91 -24.82
C LEU C 72 -17.01 -9.32 -25.10
N PRO C 73 -16.83 -10.48 -25.77
CA PRO C 73 -15.46 -10.88 -26.06
C PRO C 73 -15.00 -10.07 -27.28
N VAL C 74 -13.69 -9.97 -27.47
CA VAL C 74 -13.10 -9.24 -28.58
C VAL C 74 -12.57 -10.24 -29.61
N SER C 75 -13.01 -10.08 -30.86
CA SER C 75 -12.57 -10.96 -31.93
C SER C 75 -11.11 -10.69 -32.29
N ARG C 76 -10.77 -9.43 -32.48
CA ARG C 76 -9.38 -9.07 -32.77
C ARG C 76 -9.03 -7.63 -32.41
N ILE C 77 -7.73 -7.43 -32.13
CA ILE C 77 -7.18 -6.14 -31.78
C ILE C 77 -6.21 -5.66 -32.86
N ILE C 78 -6.42 -4.45 -33.35
CA ILE C 78 -5.54 -3.87 -34.36
C ILE C 78 -4.89 -2.64 -33.72
N VAL C 79 -3.57 -2.67 -33.56
CA VAL C 79 -2.87 -1.55 -32.96
C VAL C 79 -2.08 -0.86 -34.05
N HIS C 80 -2.10 0.47 -34.06
CA HIS C 80 -1.34 1.20 -35.09
C HIS C 80 0.13 0.76 -34.97
N PRO C 81 0.74 0.34 -36.09
CA PRO C 81 2.13 -0.11 -36.14
C PRO C 81 3.19 0.93 -35.75
N GLN C 82 2.88 2.22 -35.81
CA GLN C 82 3.85 3.25 -35.41
C GLN C 82 3.86 3.45 -33.88
N PHE C 83 3.01 2.74 -33.17
CA PHE C 83 2.97 2.90 -31.71
C PHE C 83 3.93 2.07 -30.88
N TYR C 84 4.63 2.74 -29.97
CA TYR C 84 5.51 2.06 -29.03
C TYR C 84 5.26 2.68 -27.65
N ILE C 85 5.31 4.01 -27.55
CA ILE C 85 5.02 4.67 -26.28
C ILE C 85 4.15 5.89 -26.55
N ILE C 86 3.34 6.27 -25.56
CA ILE C 86 2.43 7.39 -25.73
C ILE C 86 3.08 8.68 -26.20
N GLN C 87 4.24 9.03 -25.65
CA GLN C 87 4.87 10.28 -26.06
C GLN C 87 5.31 10.38 -27.52
N THR C 88 5.43 9.28 -28.23
CA THR C 88 5.78 9.41 -29.64
C THR C 88 4.58 9.25 -30.56
N GLY C 89 3.38 9.30 -30.00
CA GLY C 89 2.17 9.26 -30.80
C GLY C 89 1.65 7.94 -31.33
N ALA C 90 0.71 8.06 -32.26
CA ALA C 90 0.05 6.91 -32.87
C ALA C 90 -0.59 6.08 -31.77
N ASP C 91 -1.00 6.75 -30.70
CA ASP C 91 -1.64 6.03 -29.61
C ASP C 91 -3.11 5.76 -29.95
N ILE C 92 -3.35 4.75 -30.79
CA ILE C 92 -4.73 4.46 -31.19
C ILE C 92 -4.86 3.00 -31.56
N ALA C 93 -6.00 2.40 -31.22
CA ALA C 93 -6.22 1.00 -31.54
C ALA C 93 -7.69 0.74 -31.82
N LEU C 94 -7.96 -0.39 -32.48
CA LEU C 94 -9.34 -0.81 -32.80
C LEU C 94 -9.60 -2.21 -32.26
N LEU C 95 -10.78 -2.42 -31.69
CA LEU C 95 -11.16 -3.72 -31.16
C LEU C 95 -12.37 -4.14 -31.99
N GLU C 96 -12.28 -5.29 -32.63
CA GLU C 96 -13.41 -5.78 -33.39
C GLU C 96 -14.22 -6.71 -32.50
N LEU C 97 -15.52 -6.45 -32.36
CA LEU C 97 -16.37 -7.32 -31.53
C LEU C 97 -16.76 -8.52 -32.39
N GLU C 98 -17.20 -9.60 -31.74
CA GLU C 98 -17.61 -10.82 -32.45
C GLU C 98 -18.78 -10.58 -33.34
N GLU C 99 -19.71 -9.76 -32.87
CA GLU C 99 -20.87 -9.45 -33.71
C GLU C 99 -21.24 -8.00 -33.52
N PRO C 100 -22.02 -7.44 -34.47
CA PRO C 100 -22.44 -6.05 -34.37
C PRO C 100 -23.43 -5.89 -33.21
N VAL C 101 -23.24 -4.88 -32.38
CA VAL C 101 -24.15 -4.72 -31.27
C VAL C 101 -25.47 -4.15 -31.77
N ASN C 102 -26.52 -4.27 -30.96
CA ASN C 102 -27.83 -3.71 -31.32
C ASN C 102 -27.85 -2.25 -31.01
N ILE C 103 -28.07 -1.45 -32.05
CA ILE C 103 -28.08 -0.02 -31.92
C ILE C 103 -29.41 0.49 -31.40
N SER C 104 -29.37 1.40 -30.42
CA SER C 104 -30.57 2.02 -29.86
C SER C 104 -30.24 3.44 -29.41
N SER C 105 -31.23 4.15 -28.90
CA SER C 105 -30.96 5.50 -28.46
C SER C 105 -30.07 5.39 -27.22
N ARG C 106 -30.14 4.24 -26.55
CA ARG C 106 -29.35 3.99 -25.33
C ARG C 106 -27.89 3.69 -25.64
N VAL C 107 -27.68 2.94 -26.70
CA VAL C 107 -26.35 2.52 -27.11
C VAL C 107 -26.23 2.71 -28.60
N HIS C 108 -25.30 3.57 -29.02
CA HIS C 108 -25.07 3.75 -30.44
C HIS C 108 -23.71 4.38 -30.71
N THR C 109 -23.34 4.48 -31.97
CA THR C 109 -22.03 4.99 -32.32
C THR C 109 -21.83 6.49 -32.22
N VAL C 110 -20.57 6.91 -32.21
CA VAL C 110 -20.27 8.32 -32.20
C VAL C 110 -19.70 8.62 -33.60
N MET C 111 -20.01 9.78 -34.15
CA MET C 111 -19.51 10.17 -35.46
C MET C 111 -18.06 10.61 -35.37
N LEU C 112 -17.27 10.25 -36.38
CA LEU C 112 -15.88 10.67 -36.45
C LEU C 112 -15.93 12.01 -37.17
N PRO C 113 -14.94 12.88 -36.94
CA PRO C 113 -14.95 14.19 -37.60
C PRO C 113 -14.42 14.15 -39.02
N PRO C 114 -14.76 15.16 -39.83
CA PRO C 114 -14.26 15.21 -41.21
C PRO C 114 -12.81 15.62 -41.06
N ALA C 115 -11.96 15.24 -42.00
CA ALA C 115 -10.53 15.54 -41.91
C ALA C 115 -10.18 17.01 -41.70
N SER C 116 -11.03 17.92 -42.12
CA SER C 116 -10.74 19.35 -41.99
C SER C 116 -11.02 19.96 -40.63
N GLU C 117 -11.73 19.26 -39.75
CA GLU C 117 -12.02 19.85 -38.45
C GLU C 117 -10.77 19.88 -37.56
N THR C 118 -10.35 21.07 -37.13
CA THR C 118 -9.16 21.19 -36.28
C THR C 118 -9.46 21.27 -34.78
N PHE C 119 -10.72 21.49 -34.44
CA PHE C 119 -11.15 21.62 -33.05
C PHE C 119 -10.33 22.69 -32.32
N PRO C 120 -10.40 23.94 -32.80
CA PRO C 120 -9.65 25.05 -32.20
C PRO C 120 -10.12 25.47 -30.81
N PRO C 121 -9.27 26.21 -30.07
CA PRO C 121 -9.60 26.68 -28.72
C PRO C 121 -10.98 27.34 -28.74
N GLY C 122 -11.71 27.22 -27.63
CA GLY C 122 -13.04 27.79 -27.56
C GLY C 122 -14.15 26.80 -27.89
N MET C 123 -13.79 25.74 -28.60
CA MET C 123 -14.74 24.71 -28.98
C MET C 123 -15.23 23.97 -27.73
N PRO C 124 -16.55 23.81 -27.57
CA PRO C 124 -17.07 23.09 -26.38
C PRO C 124 -16.86 21.56 -26.49
N CYS C 125 -16.09 21.00 -25.57
CA CYS C 125 -15.80 19.57 -25.63
C CYS C 125 -15.85 18.90 -24.26
N TRP C 126 -16.25 17.62 -24.23
CA TRP C 126 -16.34 16.85 -22.99
C TRP C 126 -15.52 15.57 -23.08
N VAL C 127 -14.89 15.18 -21.96
CA VAL C 127 -14.17 13.90 -21.90
C VAL C 127 -14.99 13.13 -20.87
N THR C 128 -15.13 11.82 -21.08
CA THR C 128 -15.96 11.00 -20.21
C THR C 128 -15.24 9.70 -19.80
N GLY C 129 -15.58 9.18 -18.64
CA GLY C 129 -14.95 7.94 -18.20
C GLY C 129 -15.18 7.59 -16.74
N TRP C 130 -14.63 6.46 -16.35
CA TRP C 130 -14.74 5.96 -15.01
C TRP C 130 -13.39 6.02 -14.30
N GLY C 131 -12.51 6.90 -14.80
CA GLY C 131 -11.19 7.06 -14.21
C GLY C 131 -11.14 7.74 -12.86
N ASP C 132 -9.95 7.90 -12.29
CA ASP C 132 -9.80 8.53 -10.97
C ASP C 132 -10.40 9.94 -10.95
N VAL C 133 -10.91 10.36 -9.79
CA VAL C 133 -11.49 11.69 -9.70
C VAL C 133 -10.43 12.72 -9.31
N ASP C 134 -9.23 12.21 -9.04
CA ASP C 134 -8.08 13.06 -8.75
C ASP C 134 -6.86 12.16 -8.64
N ASN C 135 -5.67 12.75 -8.65
CA ASN C 135 -4.44 11.95 -8.53
C ASN C 135 -4.55 10.97 -7.36
N ASP C 136 -4.36 9.69 -7.62
CA ASP C 136 -4.44 8.66 -6.59
C ASP C 136 -5.75 8.68 -5.83
N GLU C 137 -6.84 9.01 -6.51
CA GLU C 137 -8.15 9.03 -5.86
C GLU C 137 -9.10 8.30 -6.81
N PRO C 138 -9.27 6.98 -6.63
CA PRO C 138 -10.16 6.22 -7.51
C PRO C 138 -11.62 6.63 -7.41
N LEU C 139 -12.33 6.47 -8.52
CA LEU C 139 -13.76 6.76 -8.59
C LEU C 139 -14.44 5.92 -7.52
N PRO C 140 -15.27 6.51 -6.66
CA PRO C 140 -15.93 5.70 -5.63
C PRO C 140 -17.11 4.86 -6.10
N PRO C 141 -17.43 3.78 -5.38
CA PRO C 141 -18.59 2.97 -5.78
C PRO C 141 -19.77 3.96 -5.64
N PRO C 142 -20.89 3.79 -6.37
CA PRO C 142 -21.15 2.72 -7.34
C PRO C 142 -20.56 2.98 -8.73
N PHE C 143 -19.46 3.73 -8.80
CA PHE C 143 -18.77 3.98 -10.07
C PHE C 143 -19.60 4.57 -11.20
N PRO C 144 -20.19 5.75 -10.99
CA PRO C 144 -20.98 6.30 -12.10
C PRO C 144 -20.08 6.80 -13.21
N LEU C 145 -20.55 6.74 -14.45
CA LEU C 145 -19.78 7.29 -15.55
C LEU C 145 -19.77 8.82 -15.33
N LYS C 146 -18.61 9.45 -15.43
CA LYS C 146 -18.53 10.87 -15.23
C LYS C 146 -18.18 11.63 -16.51
N GLN C 147 -18.41 12.94 -16.50
CA GLN C 147 -18.12 13.77 -17.66
C GLN C 147 -17.57 15.09 -17.17
N VAL C 148 -16.77 15.74 -18.01
CA VAL C 148 -16.26 17.05 -17.65
C VAL C 148 -15.92 17.81 -18.92
N LYS C 149 -16.29 19.10 -18.94
CA LYS C 149 -16.02 19.95 -20.10
C LYS C 149 -14.58 20.38 -19.97
N VAL C 150 -13.80 20.18 -21.04
CA VAL C 150 -12.41 20.54 -21.01
C VAL C 150 -12.00 21.57 -22.07
N PRO C 151 -11.27 22.62 -21.66
CA PRO C 151 -10.84 23.65 -22.61
C PRO C 151 -9.73 23.16 -23.54
N ILE C 152 -9.91 23.41 -24.83
CA ILE C 152 -8.93 23.02 -25.82
C ILE C 152 -7.79 24.04 -25.81
N MET C 153 -6.56 23.58 -26.01
CA MET C 153 -5.40 24.49 -26.09
C MET C 153 -4.74 24.15 -27.42
N GLU C 154 -4.49 25.17 -28.26
CA GLU C 154 -3.86 24.98 -29.57
C GLU C 154 -2.52 24.24 -29.39
N ASN C 155 -2.18 23.35 -30.32
CA ASN C 155 -0.96 22.54 -30.20
C ASN C 155 0.36 23.23 -29.83
N HIS C 156 0.72 24.29 -30.55
CA HIS C 156 1.97 25.00 -30.27
C HIS C 156 1.97 25.66 -28.90
N ILE C 157 0.84 26.26 -28.54
CA ILE C 157 0.70 26.87 -27.23
C ILE C 157 0.93 25.77 -26.21
N CYS C 158 0.36 24.60 -26.46
CA CYS C 158 0.46 23.48 -25.54
C CYS C 158 1.90 22.95 -25.49
N ASP C 159 2.54 22.85 -26.65
CA ASP C 159 3.91 22.39 -26.70
C ASP C 159 4.78 23.37 -25.90
N ALA C 160 4.51 24.68 -26.00
CA ALA C 160 5.33 25.63 -25.23
C ALA C 160 5.08 25.41 -23.74
N LYS C 161 3.84 25.13 -23.34
CA LYS C 161 3.54 24.87 -21.94
C LYS C 161 4.37 23.69 -21.42
N TYR C 162 4.44 22.60 -22.19
CA TYR C 162 5.18 21.44 -21.73
C TYR C 162 6.66 21.69 -21.60
N HIS C 163 7.20 22.69 -22.27
CA HIS C 163 8.62 22.97 -22.10
C HIS C 163 8.86 23.89 -20.88
N LEU C 164 7.81 24.53 -20.36
CA LEU C 164 7.99 25.41 -19.20
C LEU C 164 8.55 24.67 -18.03
N GLY C 165 9.64 25.16 -17.48
CA GLY C 165 10.23 24.51 -16.33
C GLY C 165 10.91 23.18 -16.63
N ALA C 166 11.24 22.93 -17.89
CA ALA C 166 11.90 21.68 -18.25
C ALA C 166 13.23 21.94 -18.89
N TYR C 167 14.13 20.95 -18.84
CA TYR C 167 15.46 21.04 -19.45
C TYR C 167 15.33 20.83 -20.95
N THR C 168 14.24 20.22 -21.36
CA THR C 168 14.00 19.90 -22.77
C THR C 168 14.12 21.10 -23.71
N GLY C 169 15.00 20.99 -24.70
CA GLY C 169 15.19 22.09 -25.64
C GLY C 169 13.94 22.42 -26.44
N ASP C 170 13.82 23.67 -26.85
CA ASP C 170 12.68 24.14 -27.62
C ASP C 170 12.59 23.47 -28.99
N ASP C 171 13.73 23.06 -29.53
CA ASP C 171 13.73 22.39 -30.83
C ASP C 171 13.21 20.96 -30.71
N VAL C 172 12.94 20.53 -29.48
CA VAL C 172 12.41 19.19 -29.25
C VAL C 172 10.90 19.32 -29.14
N ARG C 173 10.18 18.69 -30.05
CA ARG C 173 8.71 18.74 -30.04
C ARG C 173 8.15 17.74 -29.06
N ILE C 174 7.36 18.22 -28.12
CA ILE C 174 6.75 17.35 -27.16
C ILE C 174 5.32 17.02 -27.62
N ILE C 175 4.56 18.01 -28.05
CA ILE C 175 3.19 17.76 -28.52
C ILE C 175 3.29 17.61 -30.02
N ARG C 176 2.93 16.44 -30.55
CA ARG C 176 3.05 16.20 -31.99
C ARG C 176 1.80 16.56 -32.79
N ASP C 177 1.93 16.55 -34.11
CA ASP C 177 0.81 16.88 -34.99
C ASP C 177 -0.37 15.90 -34.87
N ASP C 178 -0.11 14.68 -34.39
CA ASP C 178 -1.20 13.72 -34.27
C ASP C 178 -1.80 13.74 -32.86
N MET C 179 -1.49 14.80 -32.13
CA MET C 179 -1.99 14.98 -30.77
C MET C 179 -2.85 16.24 -30.66
N LEU C 180 -3.60 16.34 -29.57
CA LEU C 180 -4.48 17.47 -29.31
C LEU C 180 -4.48 17.66 -27.81
N CYS C 181 -4.53 18.90 -27.35
CA CYS C 181 -4.50 19.19 -25.91
C CYS C 181 -5.81 19.79 -25.41
N ALA C 182 -6.25 19.30 -24.27
CA ALA C 182 -7.47 19.76 -23.64
C ALA C 182 -7.37 19.55 -22.14
N GLY C 183 -7.97 20.48 -21.39
CA GLY C 183 -7.99 20.40 -19.94
C GLY C 183 -7.18 21.49 -19.24
N ASN C 184 -7.43 21.68 -17.95
CA ASN C 184 -6.67 22.64 -17.20
C ASN C 184 -6.49 22.12 -15.80
N SER C 185 -6.14 23.01 -14.87
CA SER C 185 -5.89 22.56 -13.52
C SER C 185 -7.14 22.24 -12.72
N GLN C 186 -8.31 22.42 -13.33
CA GLN C 186 -9.52 22.14 -12.61
C GLN C 186 -10.27 20.95 -13.19
N ARG C 187 -10.20 20.83 -14.52
CA ARG C 187 -10.94 19.82 -15.26
C ARG C 187 -10.02 19.03 -16.20
N ASP C 188 -10.11 17.71 -16.12
CA ASP C 188 -9.22 16.86 -16.88
C ASP C 188 -9.60 15.39 -16.69
N SER C 189 -8.95 14.53 -17.45
CA SER C 189 -9.19 13.11 -17.31
C SER C 189 -8.10 12.63 -16.33
N CYS C 190 -8.19 11.38 -15.90
CA CYS C 190 -7.22 10.84 -14.97
C CYS C 190 -7.15 9.32 -15.14
N LYS C 191 -6.18 8.70 -14.47
CA LYS C 191 -5.96 7.26 -14.53
C LYS C 191 -7.26 6.45 -14.66
N GLY C 192 -7.37 5.67 -15.73
CA GLY C 192 -8.57 4.85 -15.94
C GLY C 192 -9.45 5.45 -17.03
N ASP C 193 -9.17 6.69 -17.42
CA ASP C 193 -9.94 7.36 -18.47
C ASP C 193 -9.32 7.09 -19.86
N SER C 194 -8.03 6.73 -19.88
CA SER C 194 -7.28 6.44 -21.10
C SER C 194 -8.07 5.62 -22.09
N GLY C 195 -7.95 5.97 -23.36
CA GLY C 195 -8.64 5.24 -24.40
C GLY C 195 -10.06 5.71 -24.62
N GLY C 196 -10.60 6.47 -23.68
CA GLY C 196 -11.95 6.96 -23.83
C GLY C 196 -12.03 8.16 -24.77
N PRO C 197 -13.26 8.62 -25.04
CA PRO C 197 -13.46 9.75 -25.94
C PRO C 197 -13.45 11.19 -25.42
N LEU C 198 -12.98 12.07 -26.29
CA LEU C 198 -13.05 13.52 -26.10
C LEU C 198 -14.04 13.82 -27.24
N VAL C 199 -15.24 14.32 -26.94
CA VAL C 199 -16.20 14.61 -28.01
C VAL C 199 -16.59 16.08 -28.02
N CYS C 200 -16.72 16.68 -29.20
CA CYS C 200 -17.09 18.10 -29.26
C CYS C 200 -18.37 18.33 -30.03
N LYS C 201 -19.16 19.30 -29.56
CA LYS C 201 -20.41 19.65 -30.22
C LYS C 201 -20.03 20.68 -31.30
N VAL C 202 -20.03 20.23 -32.55
CA VAL C 202 -19.68 21.09 -33.68
C VAL C 202 -20.93 21.35 -34.50
N ASN C 203 -21.43 22.57 -34.43
CA ASN C 203 -22.62 22.93 -35.18
C ASN C 203 -23.73 21.92 -34.93
N GLY C 204 -24.11 21.78 -33.67
CA GLY C 204 -25.17 20.84 -33.34
C GLY C 204 -24.82 19.36 -33.42
N THR C 205 -23.64 18.96 -33.87
CA THR C 205 -23.34 17.53 -33.93
C THR C 205 -22.17 17.13 -33.05
N TRP C 206 -22.29 15.99 -32.38
CA TRP C 206 -21.24 15.43 -31.51
C TRP C 206 -20.22 14.70 -32.40
N LEU C 207 -18.97 15.12 -32.35
CA LEU C 207 -17.91 14.49 -33.14
C LEU C 207 -16.79 14.05 -32.17
N GLN C 208 -16.22 12.86 -32.37
CA GLN C 208 -15.12 12.47 -31.46
C GLN C 208 -13.82 13.13 -31.95
N ALA C 209 -13.29 14.08 -31.18
CA ALA C 209 -12.07 14.79 -31.57
C ALA C 209 -10.82 14.07 -31.11
N GLY C 210 -10.90 13.39 -29.97
CA GLY C 210 -9.73 12.72 -29.48
C GLY C 210 -9.95 11.46 -28.70
N VAL C 211 -8.85 10.77 -28.42
CA VAL C 211 -8.80 9.55 -27.62
C VAL C 211 -7.84 9.90 -26.46
N VAL C 212 -8.28 9.69 -25.22
N VAL C 212 -8.22 9.62 -25.22
CA VAL C 212 -7.45 10.02 -24.05
CA VAL C 212 -7.35 9.93 -24.09
C VAL C 212 -6.14 9.24 -24.20
C VAL C 212 -6.05 9.13 -24.13
N SER C 213 -5.03 9.96 -24.26
N SER C 213 -4.95 9.81 -24.44
CA SER C 213 -3.73 9.31 -24.46
CA SER C 213 -3.64 9.17 -24.51
C SER C 213 -2.79 9.43 -23.28
C SER C 213 -2.88 9.41 -23.20
N TRP C 214 -2.35 10.64 -22.96
N TRP C 214 -2.57 10.68 -22.92
CA TRP C 214 -1.44 10.81 -21.83
CA TRP C 214 -1.87 11.04 -21.69
C TRP C 214 -1.39 12.21 -21.22
C TRP C 214 -2.92 11.18 -20.60
N GLY C 215 -0.35 12.45 -20.43
N GLY C 215 -2.88 10.29 -19.61
CA GLY C 215 -0.17 13.74 -19.79
CA GLY C 215 -3.86 10.30 -18.55
C GLY C 215 0.92 13.67 -18.72
C GLY C 215 -3.61 10.95 -17.18
N GLU C 216 1.00 14.69 -17.88
N GLU C 216 -2.64 10.46 -16.41
CA GLU C 216 2.00 14.69 -16.82
CA GLU C 216 -2.45 11.02 -15.07
C GLU C 216 1.30 14.92 -15.49
C GLU C 216 -1.86 12.40 -14.91
N GLY C 217 0.22 14.19 -15.27
N GLY C 217 -2.34 13.35 -15.70
CA GLY C 217 -0.55 14.32 -14.03
CA GLY C 217 -1.90 14.71 -15.53
C GLY C 217 -1.98 14.69 -14.33
C GLY C 217 -2.81 15.07 -14.36
N CYS C 218 -2.86 14.53 -13.35
N CYS C 218 -4.05 14.59 -14.50
CA CYS C 218 -4.30 14.84 -13.51
CA CYS C 218 -5.11 14.78 -13.51
C CYS C 218 -4.60 16.27 -13.07
C CYS C 218 -5.19 16.19 -12.95
N ALA C 219 -5.06 17.10 -14.01
N ALA C 219 -5.39 17.15 -13.84
CA ALA C 219 -5.44 18.49 -13.72
CA ALA C 219 -5.50 18.55 -13.48
C ALA C 219 -4.29 19.22 -13.05
C ALA C 219 -4.23 19.19 -12.93
N GLN C 220 -3.13 19.11 -13.67
CA GLN C 220 -1.90 19.73 -13.21
C GLN C 220 -1.64 21.02 -14.00
N PRO C 221 -1.36 22.11 -13.28
CA PRO C 221 -1.11 23.42 -13.87
C PRO C 221 -0.14 23.31 -15.03
N ASN C 222 -0.44 24.04 -16.10
CA ASN C 222 0.42 24.08 -17.28
C ASN C 222 0.79 22.76 -17.92
N ARG C 223 -0.05 21.74 -17.75
CA ARG C 223 0.19 20.43 -18.36
C ARG C 223 -1.18 19.83 -18.74
N PRO C 224 -1.80 20.34 -19.80
CA PRO C 224 -3.10 19.80 -20.18
C PRO C 224 -3.04 18.34 -20.65
N GLY C 225 -4.19 17.66 -20.59
CA GLY C 225 -4.25 16.26 -21.00
C GLY C 225 -3.92 16.18 -22.47
N ILE C 226 -3.28 15.10 -22.90
CA ILE C 226 -2.94 14.97 -24.31
C ILE C 226 -3.81 13.87 -24.90
N TYR C 227 -4.37 14.13 -26.07
CA TYR C 227 -5.26 13.17 -26.74
C TYR C 227 -4.76 12.84 -28.12
N THR C 228 -5.03 11.63 -28.59
CA THR C 228 -4.66 11.28 -29.95
C THR C 228 -5.68 12.04 -30.79
N ARG C 229 -5.21 12.74 -31.82
CA ARG C 229 -6.09 13.50 -32.71
C ARG C 229 -6.70 12.57 -33.74
N VAL C 230 -7.99 12.29 -33.60
CA VAL C 230 -8.72 11.39 -34.49
C VAL C 230 -8.61 11.71 -35.99
N THR C 231 -8.79 12.96 -36.39
CA THR C 231 -8.69 13.27 -37.83
C THR C 231 -7.37 12.79 -38.44
N TYR C 232 -6.30 12.80 -37.66
CA TYR C 232 -5.00 12.37 -38.18
C TYR C 232 -4.98 10.93 -38.65
N TYR C 233 -5.77 10.08 -37.99
CA TYR C 233 -5.79 8.66 -38.33
C TYR C 233 -7.07 8.17 -39.05
N LEU C 234 -7.86 9.08 -39.63
CA LEU C 234 -9.08 8.65 -40.31
C LEU C 234 -8.83 7.61 -41.38
N ASP C 235 -7.84 7.84 -42.23
CA ASP C 235 -7.60 6.87 -43.27
C ASP C 235 -7.22 5.51 -42.69
N TRP C 236 -6.40 5.51 -41.64
CA TRP C 236 -5.99 4.25 -41.00
C TRP C 236 -7.23 3.53 -40.48
N ILE C 237 -8.10 4.28 -39.78
CA ILE C 237 -9.33 3.73 -39.22
C ILE C 237 -10.21 3.13 -40.34
N HIS C 238 -10.41 3.91 -41.38
CA HIS C 238 -11.26 3.50 -42.49
C HIS C 238 -10.67 2.34 -43.29
N HIS C 239 -9.47 1.92 -42.90
CA HIS C 239 -8.87 0.81 -43.57
C HIS C 239 -9.47 -0.46 -42.96
N TYR C 240 -10.00 -0.33 -41.76
CA TYR C 240 -10.57 -1.51 -41.08
C TYR C 240 -12.04 -1.40 -40.78
N VAL C 241 -12.51 -0.20 -40.48
CA VAL C 241 -13.89 0.04 -40.12
C VAL C 241 -14.68 0.55 -41.33
N PRO C 242 -15.75 -0.15 -41.73
CA PRO C 242 -16.59 0.26 -42.87
C PRO C 242 -17.13 1.68 -42.74
N LYS C 243 -17.10 2.42 -43.86
CA LYS C 243 -17.57 3.81 -43.90
C LYS C 243 -19.06 3.93 -43.56
N ILE D 1 -17.49 -12.54 4.18
CA ILE D 1 -18.00 -13.95 4.35
C ILE D 1 -17.10 -14.91 3.59
N VAL D 2 -16.56 -15.89 4.29
CA VAL D 2 -15.69 -16.89 3.70
C VAL D 2 -16.47 -18.17 3.46
N GLY D 3 -16.30 -18.72 2.26
CA GLY D 3 -16.93 -19.96 1.87
C GLY D 3 -18.42 -19.87 1.60
N GLY D 4 -18.94 -18.68 1.33
CA GLY D 4 -20.37 -18.66 1.14
C GLY D 4 -20.78 -18.44 -0.29
N GLN D 5 -22.05 -18.05 -0.44
CA GLN D 5 -22.58 -17.73 -1.74
C GLN D 5 -23.41 -16.45 -1.64
N GLU D 6 -23.75 -15.90 -2.78
CA GLU D 6 -24.54 -14.71 -2.86
C GLU D 6 -25.92 -15.03 -2.30
N ALA D 7 -26.47 -14.14 -1.50
CA ALA D 7 -27.79 -14.34 -0.90
C ALA D 7 -28.91 -14.12 -1.89
N PRO D 8 -29.99 -14.92 -1.78
CA PRO D 8 -31.14 -14.76 -2.67
C PRO D 8 -31.73 -13.41 -2.24
N ARG D 9 -32.36 -12.66 -3.14
CA ARG D 9 -32.92 -11.36 -2.79
C ARG D 9 -33.92 -11.41 -1.64
N SER D 10 -34.62 -12.51 -1.51
CA SER D 10 -35.63 -12.63 -0.48
C SER D 10 -35.07 -12.98 0.91
N LYS D 11 -33.78 -13.24 1.02
CA LYS D 11 -33.25 -13.61 2.33
C LYS D 11 -32.61 -12.47 3.11
N TRP D 12 -32.64 -12.60 4.44
CA TRP D 12 -32.03 -11.64 5.36
C TRP D 12 -32.52 -10.19 5.19
N PRO D 13 -33.85 -9.97 5.22
CA PRO D 13 -34.41 -8.62 5.05
C PRO D 13 -33.98 -7.62 6.12
N TRP D 14 -33.43 -8.14 7.21
CA TRP D 14 -32.99 -7.33 8.34
C TRP D 14 -31.54 -6.89 8.26
N GLN D 15 -30.82 -7.35 7.24
CA GLN D 15 -29.41 -6.98 7.15
C GLN D 15 -29.20 -5.51 6.84
N VAL D 16 -28.29 -4.87 7.57
CA VAL D 16 -27.99 -3.48 7.26
C VAL D 16 -26.49 -3.31 7.11
N SER D 17 -26.12 -2.19 6.47
CA SER D 17 -24.72 -1.82 6.28
C SER D 17 -24.49 -0.49 7.01
N LEU D 18 -23.40 -0.41 7.77
CA LEU D 18 -23.04 0.82 8.46
C LEU D 18 -21.98 1.49 7.61
N ARG D 19 -22.13 2.80 7.40
CA ARG D 19 -21.21 3.58 6.55
C ARG D 19 -20.55 4.72 7.32
N VAL D 20 -19.27 4.98 7.04
CA VAL D 20 -18.54 6.07 7.67
C VAL D 20 -18.17 7.05 6.56
N ARG D 21 -18.17 8.34 6.88
CA ARG D 21 -17.85 9.39 5.91
C ARG D 21 -16.35 9.41 5.55
N ASP D 22 -16.01 9.09 4.31
CA ASP D 22 -14.61 9.09 3.89
C ASP D 22 -14.51 9.12 2.36
N ARG D 23 -14.55 10.31 1.76
CA ARG D 23 -14.52 10.46 0.29
C ARG D 23 -15.84 9.96 -0.28
N TYR D 24 -16.40 8.92 0.32
CA TYR D 24 -17.73 8.40 -0.06
C TYR D 24 -18.24 7.71 1.21
N TRP D 25 -19.51 7.32 1.24
CA TRP D 25 -20.04 6.66 2.44
C TRP D 25 -19.65 5.20 2.40
N MET D 26 -18.50 4.92 2.97
CA MET D 26 -17.88 3.60 2.97
C MET D 26 -18.35 2.59 4.00
N HIS D 27 -18.65 1.39 3.53
CA HIS D 27 -19.07 0.31 4.41
C HIS D 27 -17.95 -0.09 5.37
N PHE D 28 -18.28 -0.32 6.63
CA PHE D 28 -17.25 -0.75 7.59
C PHE D 28 -17.72 -1.82 8.59
N CYS D 29 -19.03 -2.08 8.63
CA CYS D 29 -19.56 -3.06 9.56
C CYS D 29 -20.99 -3.40 9.16
N GLY D 30 -21.49 -4.50 9.67
CA GLY D 30 -22.86 -4.90 9.44
C GLY D 30 -23.69 -4.53 10.66
N GLY D 31 -24.97 -4.85 10.58
CA GLY D 31 -25.92 -4.60 11.64
C GLY D 31 -27.20 -5.32 11.28
N SER D 32 -28.19 -5.32 12.16
CA SER D 32 -29.46 -5.97 11.85
C SER D 32 -30.59 -5.07 12.35
N LEU D 33 -31.71 -5.05 11.64
CA LEU D 33 -32.85 -4.21 12.06
C LEU D 33 -33.64 -5.03 13.09
N ILE D 34 -33.66 -4.63 14.35
CA ILE D 34 -34.39 -5.42 15.34
C ILE D 34 -35.68 -4.72 15.77
N HIS D 35 -35.91 -3.54 15.21
CA HIS D 35 -37.12 -2.77 15.48
C HIS D 35 -37.18 -1.75 14.33
N PRO D 36 -38.37 -1.27 13.96
CA PRO D 36 -38.43 -0.32 12.86
C PRO D 36 -37.55 0.92 13.00
N GLN D 37 -37.17 1.25 14.24
CA GLN D 37 -36.30 2.41 14.46
C GLN D 37 -34.97 2.08 15.15
N TRP D 38 -34.64 0.80 15.29
CA TRP D 38 -33.39 0.43 15.96
C TRP D 38 -32.54 -0.61 15.24
N VAL D 39 -31.23 -0.35 15.20
CA VAL D 39 -30.32 -1.28 14.59
C VAL D 39 -29.44 -1.88 15.67
N LEU D 40 -29.24 -3.21 15.62
CA LEU D 40 -28.37 -3.89 16.57
C LEU D 40 -27.05 -4.10 15.86
N THR D 41 -25.94 -3.84 16.57
CA THR D 41 -24.64 -4.01 15.98
C THR D 41 -23.57 -4.28 17.04
N ALA D 42 -22.29 -4.26 16.67
CA ALA D 42 -21.22 -4.50 17.65
C ALA D 42 -20.70 -3.22 18.23
N ALA D 43 -20.42 -3.20 19.53
CA ALA D 43 -19.88 -2.00 20.14
C ALA D 43 -18.55 -1.61 19.49
N HIS D 44 -17.74 -2.58 19.07
CA HIS D 44 -16.46 -2.24 18.48
C HIS D 44 -16.59 -1.49 17.16
N CYS D 45 -17.76 -1.56 16.53
CA CYS D 45 -17.96 -0.85 15.28
C CYS D 45 -18.15 0.65 15.53
N VAL D 46 -18.70 1.02 16.69
CA VAL D 46 -18.94 2.42 16.98
C VAL D 46 -18.40 2.84 18.34
N GLY D 47 -17.29 2.24 18.78
CA GLY D 47 -16.71 2.57 20.08
C GLY D 47 -15.39 1.83 20.27
N PRO D 48 -14.79 1.84 21.47
CA PRO D 48 -15.27 2.51 22.69
C PRO D 48 -15.26 4.04 22.74
N ASP D 49 -14.52 4.67 21.83
CA ASP D 49 -14.46 6.13 21.81
C ASP D 49 -15.71 6.70 21.17
N VAL D 50 -16.26 7.74 21.78
CA VAL D 50 -17.47 8.34 21.26
C VAL D 50 -17.16 9.00 19.92
N LYS D 51 -17.99 8.71 18.94
CA LYS D 51 -17.82 9.26 17.57
C LYS D 51 -18.85 10.34 17.23
N ASP D 52 -18.52 11.21 16.29
CA ASP D 52 -19.43 12.25 15.86
C ASP D 52 -20.50 11.53 15.05
N LEU D 53 -21.75 11.67 15.43
CA LEU D 53 -22.81 11.00 14.68
C LEU D 53 -22.95 11.47 13.24
N ALA D 54 -22.47 12.67 12.93
CA ALA D 54 -22.55 13.18 11.56
C ALA D 54 -21.72 12.34 10.60
N THR D 55 -20.77 11.58 11.11
CA THR D 55 -19.93 10.76 10.25
C THR D 55 -20.43 9.35 10.05
N LEU D 56 -21.65 9.06 10.51
CA LEU D 56 -22.19 7.72 10.37
C LEU D 56 -23.54 7.68 9.63
N ARG D 57 -23.77 6.62 8.87
CA ARG D 57 -25.05 6.43 8.19
C ARG D 57 -25.41 4.94 8.18
N VAL D 58 -26.71 4.66 8.13
CA VAL D 58 -27.16 3.27 8.06
C VAL D 58 -27.82 3.03 6.70
N GLN D 59 -27.52 1.89 6.08
CA GLN D 59 -28.13 1.55 4.79
C GLN D 59 -28.93 0.25 4.99
N LEU D 60 -30.23 0.24 4.67
CA LEU D 60 -31.04 -0.98 4.84
C LEU D 60 -30.66 -2.02 3.79
N ARG D 61 -31.21 -3.21 3.87
CA ARG D 61 -30.83 -4.25 2.91
C ARG D 61 -30.72 -3.85 1.45
N GLU D 62 -29.59 -4.19 0.84
CA GLU D 62 -29.33 -3.94 -0.58
C GLU D 62 -28.73 -5.23 -1.09
N GLN D 63 -29.19 -5.72 -2.24
CA GLN D 63 -28.61 -6.92 -2.82
C GLN D 63 -27.15 -6.61 -3.20
N HIS D 64 -26.88 -5.41 -3.71
CA HIS D 64 -25.52 -5.01 -4.08
C HIS D 64 -25.13 -3.71 -3.40
N LEU D 65 -24.12 -3.80 -2.55
CA LEU D 65 -23.66 -2.66 -1.77
C LEU D 65 -23.31 -1.43 -2.64
N TYR D 66 -23.76 -0.26 -2.20
CA TYR D 66 -23.52 1.03 -2.85
C TYR D 66 -24.40 1.34 -4.07
N TYR D 67 -25.04 0.32 -4.64
CA TYR D 67 -25.79 0.62 -5.83
C TYR D 67 -27.13 1.33 -5.68
N GLN D 68 -27.91 1.01 -4.67
CA GLN D 68 -29.15 1.77 -4.59
C GLN D 68 -29.27 2.40 -3.22
N ASP D 69 -28.24 3.14 -2.84
CA ASP D 69 -28.20 3.77 -1.53
C ASP D 69 -29.31 4.73 -1.16
N GLN D 70 -29.78 4.64 0.07
CA GLN D 70 -30.76 5.55 0.63
C GLN D 70 -30.29 5.63 2.08
N LEU D 71 -29.24 6.42 2.27
CA LEU D 71 -28.63 6.55 3.57
C LEU D 71 -29.51 7.15 4.66
N LEU D 72 -29.45 6.58 5.84
CA LEU D 72 -30.26 7.05 6.96
C LEU D 72 -29.38 7.52 8.10
N PRO D 73 -29.58 8.76 8.58
CA PRO D 73 -28.77 9.27 9.69
C PRO D 73 -29.23 8.60 10.99
N VAL D 74 -28.35 8.64 11.99
CA VAL D 74 -28.59 8.02 13.27
C VAL D 74 -28.87 9.12 14.27
N SER D 75 -29.83 8.87 15.13
CA SER D 75 -30.22 9.82 16.13
C SER D 75 -29.45 9.62 17.43
N ARG D 76 -29.14 8.38 17.75
CA ARG D 76 -28.44 8.14 18.98
C ARG D 76 -27.69 6.81 18.88
N ILE D 77 -26.56 6.74 19.56
CA ILE D 77 -25.73 5.54 19.57
C ILE D 77 -25.58 5.14 21.03
N ILE D 78 -26.02 3.92 21.35
CA ILE D 78 -25.92 3.42 22.70
C ILE D 78 -24.98 2.21 22.72
N VAL D 79 -23.85 2.37 23.42
CA VAL D 79 -22.83 1.32 23.52
C VAL D 79 -22.86 0.72 24.91
N HIS D 80 -22.76 -0.60 25.03
CA HIS D 80 -22.78 -1.21 26.36
C HIS D 80 -21.60 -0.66 27.19
N PRO D 81 -21.90 -0.14 28.40
CA PRO D 81 -20.86 0.43 29.25
C PRO D 81 -19.73 -0.52 29.66
N GLN D 82 -19.97 -1.84 29.66
CA GLN D 82 -18.90 -2.78 30.02
C GLN D 82 -17.93 -3.00 28.86
N PHE D 83 -18.24 -2.45 27.69
CA PHE D 83 -17.36 -2.63 26.55
C PHE D 83 -16.12 -1.76 26.52
N TYR D 84 -14.98 -2.39 26.23
CA TYR D 84 -13.74 -1.64 26.05
C TYR D 84 -13.00 -2.29 24.86
N ILE D 85 -12.80 -3.61 24.92
CA ILE D 85 -12.19 -4.35 23.82
C ILE D 85 -12.97 -5.63 23.58
N ILE D 86 -13.00 -6.08 22.33
CA ILE D 86 -13.75 -7.28 21.98
C ILE D 86 -13.47 -8.52 22.82
N GLN D 87 -12.20 -8.81 23.14
CA GLN D 87 -11.93 -10.01 23.91
C GLN D 87 -12.49 -9.99 25.32
N THR D 88 -12.92 -8.84 25.82
CA THR D 88 -13.49 -8.86 27.15
C THR D 88 -15.01 -8.79 27.11
N GLY D 89 -15.60 -8.98 25.94
CA GLY D 89 -17.05 -9.03 25.87
C GLY D 89 -17.84 -7.75 25.89
N ALA D 90 -19.15 -7.92 26.07
CA ALA D 90 -20.09 -6.80 26.06
C ALA D 90 -19.97 -6.06 24.73
N ASP D 91 -19.60 -6.79 23.69
CA ASP D 91 -19.44 -6.18 22.37
C ASP D 91 -20.81 -6.06 21.68
N ILE D 92 -21.59 -5.11 22.14
CA ILE D 92 -22.92 -4.91 21.57
C ILE D 92 -23.31 -3.44 21.64
N ALA D 93 -24.03 -2.95 20.62
CA ALA D 93 -24.42 -1.55 20.60
C ALA D 93 -25.74 -1.40 19.89
N LEU D 94 -26.41 -0.29 20.15
CA LEU D 94 -27.69 -0.01 19.54
C LEU D 94 -27.66 1.35 18.82
N LEU D 95 -28.28 1.40 17.66
CA LEU D 95 -28.34 2.65 16.92
C LEU D 95 -29.84 2.97 16.75
N GLU D 96 -30.26 4.14 17.24
CA GLU D 96 -31.63 4.55 17.09
C GLU D 96 -31.68 5.42 15.85
N LEU D 97 -32.51 5.06 14.88
CA LEU D 97 -32.59 5.82 13.63
C LEU D 97 -33.35 7.12 13.86
N GLU D 98 -33.14 8.13 13.02
CA GLU D 98 -33.86 9.41 13.21
C GLU D 98 -35.35 9.13 13.04
N GLU D 99 -35.67 8.21 12.15
CA GLU D 99 -37.06 7.86 11.89
C GLU D 99 -37.26 6.37 11.71
N PRO D 100 -38.47 5.88 12.03
CA PRO D 100 -38.75 4.45 11.88
C PRO D 100 -38.73 4.17 10.38
N VAL D 101 -38.34 2.97 9.96
CA VAL D 101 -38.32 2.70 8.53
C VAL D 101 -39.61 2.00 8.11
N ASN D 102 -39.88 1.97 6.82
CA ASN D 102 -41.09 1.26 6.36
C ASN D 102 -40.80 -0.22 6.40
N ILE D 103 -41.76 -0.98 6.86
CA ILE D 103 -41.61 -2.43 6.96
C ILE D 103 -42.28 -3.12 5.80
N SER D 104 -41.56 -4.01 5.15
CA SER D 104 -42.11 -4.73 4.01
C SER D 104 -41.54 -6.13 3.96
N SER D 105 -41.89 -6.86 2.93
CA SER D 105 -41.41 -8.20 2.76
C SER D 105 -39.89 -8.21 2.53
N ARG D 106 -39.41 -7.20 1.83
CA ARG D 106 -37.98 -7.10 1.50
C ARG D 106 -37.15 -6.50 2.64
N VAL D 107 -37.80 -5.72 3.49
CA VAL D 107 -37.09 -5.07 4.57
C VAL D 107 -37.90 -5.13 5.84
N HIS D 108 -37.41 -5.88 6.83
CA HIS D 108 -38.14 -5.94 8.10
C HIS D 108 -37.25 -6.45 9.21
N THR D 109 -37.76 -6.49 10.42
CA THR D 109 -36.97 -6.90 11.56
C THR D 109 -36.70 -8.39 11.73
N VAL D 110 -35.67 -8.71 12.52
CA VAL D 110 -35.36 -10.09 12.83
C VAL D 110 -35.81 -10.22 14.28
N MET D 111 -36.29 -11.39 14.67
CA MET D 111 -36.72 -11.62 16.04
C MET D 111 -35.54 -11.91 16.93
N LEU D 112 -35.59 -11.45 18.17
CA LEU D 112 -34.54 -11.75 19.14
C LEU D 112 -34.96 -13.07 19.76
N PRO D 113 -33.99 -13.86 20.25
CA PRO D 113 -34.35 -15.14 20.84
C PRO D 113 -34.84 -15.06 22.27
N PRO D 114 -35.58 -16.11 22.70
CA PRO D 114 -36.10 -16.14 24.06
C PRO D 114 -34.86 -16.41 24.94
N ALA D 115 -34.87 -15.90 26.16
CA ALA D 115 -33.74 -16.08 27.07
C ALA D 115 -33.25 -17.50 27.21
N SER D 116 -34.16 -18.45 27.06
CA SER D 116 -33.80 -19.85 27.22
C SER D 116 -33.11 -20.54 26.04
N GLU D 117 -33.06 -19.91 24.87
CA GLU D 117 -32.43 -20.58 23.74
C GLU D 117 -30.90 -20.50 23.85
N THR D 118 -30.24 -21.65 23.89
CA THR D 118 -28.80 -21.70 24.02
C THR D 118 -28.08 -21.93 22.68
N PHE D 119 -28.83 -22.25 21.64
CA PHE D 119 -28.25 -22.51 20.32
C PHE D 119 -27.12 -23.55 20.41
N PRO D 120 -27.45 -24.80 20.77
CA PRO D 120 -26.41 -25.83 20.88
C PRO D 120 -25.89 -26.29 19.52
N PRO D 121 -24.78 -27.04 19.52
CA PRO D 121 -24.19 -27.54 18.27
C PRO D 121 -25.25 -28.30 17.51
N GLY D 122 -25.22 -28.20 16.17
CA GLY D 122 -26.20 -28.87 15.35
C GLY D 122 -27.26 -27.92 14.83
N MET D 123 -27.50 -26.82 15.53
CA MET D 123 -28.50 -25.87 15.06
C MET D 123 -28.06 -25.28 13.74
N PRO D 124 -28.99 -25.11 12.80
CA PRO D 124 -28.65 -24.54 11.49
C PRO D 124 -28.62 -23.02 11.59
N CYS D 125 -27.44 -22.45 11.35
CA CYS D 125 -27.29 -21.00 11.46
C CYS D 125 -26.44 -20.46 10.34
N TRP D 126 -26.73 -19.22 9.97
CA TRP D 126 -26.03 -18.52 8.90
C TRP D 126 -25.53 -17.14 9.36
N VAL D 127 -24.38 -16.70 8.87
CA VAL D 127 -23.91 -15.37 9.17
C VAL D 127 -23.91 -14.69 7.80
N THR D 128 -24.23 -13.40 7.74
CA THR D 128 -24.31 -12.72 6.45
C THR D 128 -23.58 -11.39 6.49
N GLY D 129 -23.16 -10.92 5.31
CA GLY D 129 -22.47 -9.65 5.26
C GLY D 129 -21.75 -9.40 3.95
N TRP D 130 -21.15 -8.22 3.86
CA TRP D 130 -20.43 -7.80 2.68
C TRP D 130 -18.92 -7.76 2.93
N GLY D 131 -18.46 -8.49 3.94
CA GLY D 131 -17.05 -8.50 4.25
C GLY D 131 -16.18 -9.27 3.28
N ASP D 132 -14.88 -9.34 3.57
CA ASP D 132 -13.89 -10.02 2.74
C ASP D 132 -14.24 -11.51 2.50
N VAL D 133 -13.92 -12.03 1.32
CA VAL D 133 -14.24 -13.43 1.02
C VAL D 133 -13.13 -14.36 1.50
N ASP D 134 -12.05 -13.76 1.99
CA ASP D 134 -10.93 -14.48 2.57
C ASP D 134 -9.97 -13.45 3.13
N ASN D 135 -8.97 -13.92 3.87
CA ASN D 135 -7.99 -13.03 4.45
C ASN D 135 -7.40 -12.15 3.36
N ASP D 136 -7.44 -10.84 3.59
CA ASP D 136 -6.92 -9.86 2.63
C ASP D 136 -7.48 -9.97 1.22
N GLU D 137 -8.71 -10.48 1.08
CA GLU D 137 -9.37 -10.62 -0.23
C GLU D 137 -10.76 -10.00 -0.13
N PRO D 138 -10.88 -8.73 -0.52
CA PRO D 138 -12.16 -8.03 -0.45
C PRO D 138 -13.22 -8.57 -1.41
N LEU D 139 -14.48 -8.35 -1.04
CA LEU D 139 -15.59 -8.77 -1.88
C LEU D 139 -15.47 -7.96 -3.17
N PRO D 140 -15.46 -8.64 -4.34
CA PRO D 140 -15.34 -7.88 -5.59
C PRO D 140 -16.64 -7.21 -5.99
N PRO D 141 -16.55 -6.09 -6.74
CA PRO D 141 -17.76 -5.39 -7.19
C PRO D 141 -18.51 -6.47 -8.00
N PRO D 142 -19.85 -6.39 -8.12
CA PRO D 142 -20.77 -5.40 -7.59
C PRO D 142 -21.19 -5.58 -6.15
N PHE D 143 -20.33 -6.20 -5.35
CA PHE D 143 -20.59 -6.35 -3.91
C PHE D 143 -21.91 -7.00 -3.47
N PRO D 144 -22.15 -8.26 -3.86
CA PRO D 144 -23.40 -8.90 -3.45
C PRO D 144 -23.37 -9.26 -1.98
N LEU D 145 -24.53 -9.22 -1.33
CA LEU D 145 -24.60 -9.64 0.07
C LEU D 145 -24.35 -11.16 0.04
N LYS D 146 -23.49 -11.64 0.92
CA LYS D 146 -23.18 -13.05 0.95
C LYS D 146 -23.70 -13.70 2.21
N GLN D 147 -23.80 -15.02 2.19
CA GLN D 147 -24.26 -15.78 3.33
C GLN D 147 -23.45 -17.06 3.41
N VAL D 148 -23.37 -17.62 4.59
CA VAL D 148 -22.68 -18.87 4.76
C VAL D 148 -23.21 -19.58 6.00
N LYS D 149 -23.43 -20.88 5.87
CA LYS D 149 -23.91 -21.69 6.98
C LYS D 149 -22.69 -22.01 7.84
N VAL D 150 -22.78 -21.71 9.13
CA VAL D 150 -21.66 -21.97 10.03
C VAL D 150 -22.09 -22.86 11.17
N PRO D 151 -21.31 -23.90 11.47
CA PRO D 151 -21.67 -24.79 12.58
C PRO D 151 -21.35 -24.15 13.92
N ILE D 152 -22.21 -24.40 14.90
CA ILE D 152 -22.08 -23.87 16.24
C ILE D 152 -21.16 -24.80 17.03
N MET D 153 -20.23 -24.23 17.80
CA MET D 153 -19.34 -25.03 18.62
C MET D 153 -19.69 -24.63 20.07
N GLU D 154 -19.97 -25.60 20.94
CA GLU D 154 -20.30 -25.34 22.35
C GLU D 154 -19.17 -24.49 23.01
N ASN D 155 -19.54 -23.56 23.87
CA ASN D 155 -18.53 -22.69 24.49
C ASN D 155 -17.27 -23.34 25.09
N HIS D 156 -17.44 -24.36 25.91
CA HIS D 156 -16.30 -25.04 26.54
C HIS D 156 -15.35 -25.64 25.49
N ILE D 157 -15.95 -26.23 24.46
CA ILE D 157 -15.21 -26.85 23.36
C ILE D 157 -14.45 -25.73 22.66
N CYS D 158 -15.14 -24.62 22.40
CA CYS D 158 -14.52 -23.50 21.73
C CYS D 158 -13.37 -22.91 22.56
N ASP D 159 -13.58 -22.78 23.87
CA ASP D 159 -12.54 -22.23 24.76
C ASP D 159 -11.31 -23.15 24.69
N ALA D 160 -11.52 -24.46 24.68
CA ALA D 160 -10.39 -25.39 24.62
C ALA D 160 -9.67 -25.24 23.29
N LYS D 161 -10.42 -25.07 22.20
CA LYS D 161 -9.80 -24.90 20.89
C LYS D 161 -8.87 -23.67 20.90
N TYR D 162 -9.35 -22.57 21.49
CA TYR D 162 -8.56 -21.34 21.54
C TYR D 162 -7.26 -21.50 22.35
N HIS D 163 -7.21 -22.46 23.27
CA HIS D 163 -5.99 -22.65 24.01
C HIS D 163 -5.06 -23.59 23.26
N LEU D 164 -5.59 -24.34 22.28
CA LEU D 164 -4.74 -25.24 21.50
C LEU D 164 -3.66 -24.45 20.76
N GLY D 165 -2.40 -24.79 20.98
CA GLY D 165 -1.34 -24.08 20.30
C GLY D 165 -1.06 -22.68 20.84
N ALA D 166 -1.49 -22.42 22.07
CA ALA D 166 -1.27 -21.12 22.70
C ALA D 166 -0.61 -21.29 24.07
N TYR D 167 0.06 -20.24 24.53
CA TYR D 167 0.77 -20.22 25.82
C TYR D 167 -0.18 -19.98 26.99
N THR D 168 -1.32 -19.39 26.70
CA THR D 168 -2.32 -19.04 27.72
C THR D 168 -2.75 -20.22 28.58
N GLY D 169 -2.76 -20.02 29.89
CA GLY D 169 -3.16 -21.10 30.79
C GLY D 169 -4.59 -21.59 30.58
N ASP D 170 -4.80 -22.87 30.81
CA ASP D 170 -6.12 -23.47 30.68
C ASP D 170 -7.11 -22.83 31.62
N ASP D 171 -6.65 -22.46 32.81
CA ASP D 171 -7.53 -21.85 33.80
C ASP D 171 -7.84 -20.41 33.42
N VAL D 172 -7.27 -19.93 32.33
CA VAL D 172 -7.55 -18.58 31.87
C VAL D 172 -8.61 -18.71 30.79
N ARG D 173 -9.81 -18.20 31.05
CA ARG D 173 -10.91 -18.29 30.10
C ARG D 173 -10.79 -17.28 28.97
N ILE D 174 -10.80 -17.78 27.74
CA ILE D 174 -10.72 -16.94 26.56
C ILE D 174 -12.14 -16.68 26.06
N ILE D 175 -12.95 -17.73 25.96
CA ILE D 175 -14.33 -17.59 25.49
C ILE D 175 -15.24 -17.42 26.70
N ARG D 176 -15.87 -16.26 26.83
CA ARG D 176 -16.73 -15.98 27.97
C ARG D 176 -18.19 -16.38 27.79
N ASP D 177 -18.96 -16.32 28.87
CA ASP D 177 -20.37 -16.69 28.83
C ASP D 177 -21.27 -15.80 27.98
N ASP D 178 -20.82 -14.57 27.70
CA ASP D 178 -21.62 -13.71 26.85
C ASP D 178 -21.18 -13.85 25.38
N MET D 179 -20.44 -14.91 25.08
CA MET D 179 -20.00 -15.16 23.71
C MET D 179 -20.59 -16.45 23.19
N LEU D 180 -20.49 -16.64 21.89
CA LEU D 180 -20.97 -17.85 21.23
C LEU D 180 -20.02 -18.05 20.06
N CYS D 181 -19.68 -19.30 19.77
CA CYS D 181 -18.74 -19.60 18.69
C CYS D 181 -19.38 -20.33 17.51
N ALA D 182 -19.01 -19.95 16.30
CA ALA D 182 -19.53 -20.62 15.11
C ALA D 182 -18.52 -20.50 14.00
N GLY D 183 -18.56 -21.49 13.12
CA GLY D 183 -17.67 -21.52 11.96
C GLY D 183 -16.61 -22.60 12.00
N ASN D 184 -15.96 -22.81 10.87
CA ASN D 184 -14.87 -23.79 10.81
C ASN D 184 -13.82 -23.26 9.81
N SER D 185 -12.88 -24.11 9.41
CA SER D 185 -11.83 -23.68 8.51
C SER D 185 -12.27 -23.37 7.08
N GLN D 186 -13.54 -23.61 6.76
CA GLN D 186 -13.99 -23.27 5.40
C GLN D 186 -15.12 -22.23 5.39
N ARG D 187 -15.80 -22.05 6.52
CA ARG D 187 -16.94 -21.13 6.59
C ARG D 187 -16.82 -20.20 7.80
N ASP D 188 -16.85 -18.90 7.54
CA ASP D 188 -16.70 -17.92 8.60
C ASP D 188 -16.96 -16.52 8.10
N SER D 189 -17.04 -15.56 9.01
CA SER D 189 -17.22 -14.17 8.57
C SER D 189 -15.79 -13.65 8.37
N CYS D 190 -15.64 -12.44 7.84
CA CYS D 190 -14.31 -11.87 7.64
C CYS D 190 -14.41 -10.32 7.68
N LYS D 191 -13.26 -9.63 7.59
CA LYS D 191 -13.21 -8.17 7.68
C LYS D 191 -14.37 -7.48 6.93
N GLY D 192 -15.20 -6.76 7.67
CA GLY D 192 -16.32 -6.07 7.05
C GLY D 192 -17.66 -6.68 7.47
N ASP D 193 -17.63 -7.90 7.99
CA ASP D 193 -18.84 -8.58 8.43
C ASP D 193 -19.19 -8.24 9.86
N SER D 194 -18.21 -7.71 10.59
CA SER D 194 -18.37 -7.31 11.98
C SER D 194 -19.63 -6.53 12.28
N GLY D 195 -20.28 -6.84 13.40
CA GLY D 195 -21.49 -6.12 13.73
C GLY D 195 -22.75 -6.70 13.12
N GLY D 196 -22.59 -7.56 12.14
CA GLY D 196 -23.72 -8.18 11.48
C GLY D 196 -24.30 -9.34 12.26
N PRO D 197 -25.40 -9.92 11.76
CA PRO D 197 -26.08 -11.03 12.42
C PRO D 197 -25.70 -12.47 12.16
N LEU D 198 -25.86 -13.28 13.20
CA LEU D 198 -25.71 -14.71 13.11
C LEU D 198 -27.16 -15.13 13.41
N VAL D 199 -27.86 -15.71 12.44
CA VAL D 199 -29.25 -16.09 12.67
C VAL D 199 -29.42 -17.60 12.53
N CYS D 200 -30.23 -18.18 13.40
CA CYS D 200 -30.49 -19.62 13.37
C CYS D 200 -31.99 -19.87 13.23
N LYS D 201 -32.33 -20.94 12.53
CA LYS D 201 -33.72 -21.30 12.33
C LYS D 201 -34.15 -22.24 13.44
N VAL D 202 -35.15 -21.79 14.21
CA VAL D 202 -35.67 -22.55 15.34
C VAL D 202 -37.16 -22.74 15.11
N ASN D 203 -37.55 -23.99 14.90
CA ASN D 203 -38.94 -24.34 14.64
C ASN D 203 -39.56 -23.42 13.58
N GLY D 204 -38.91 -23.34 12.43
CA GLY D 204 -39.40 -22.53 11.34
C GLY D 204 -39.30 -21.02 11.50
N THR D 205 -38.63 -20.55 12.55
CA THR D 205 -38.51 -19.10 12.75
C THR D 205 -37.06 -18.65 12.93
N TRP D 206 -36.69 -17.59 12.22
CA TRP D 206 -35.35 -17.04 12.33
C TRP D 206 -35.17 -16.20 13.58
N LEU D 207 -34.16 -16.54 14.37
CA LEU D 207 -33.85 -15.79 15.60
C LEU D 207 -32.40 -15.34 15.51
N GLN D 208 -32.12 -14.12 15.96
CA GLN D 208 -30.74 -13.67 15.95
C GLN D 208 -30.04 -14.17 17.20
N ALA D 209 -29.12 -15.13 17.02
CA ALA D 209 -28.35 -15.74 18.12
C ALA D 209 -27.11 -14.93 18.46
N GLY D 210 -26.55 -14.23 17.48
CA GLY D 210 -25.33 -13.50 17.77
C GLY D 210 -25.01 -12.31 16.90
N VAL D 211 -24.04 -11.53 17.36
CA VAL D 211 -23.54 -10.37 16.63
C VAL D 211 -22.07 -10.67 16.36
N VAL D 212 -21.67 -10.57 15.09
N VAL D 212 -21.60 -10.46 15.14
CA VAL D 212 -20.28 -10.84 14.72
CA VAL D 212 -20.19 -10.71 14.83
C VAL D 212 -19.37 -9.97 15.60
C VAL D 212 -19.23 -9.80 15.60
N SER D 213 -18.48 -10.60 16.37
N SER D 213 -18.52 -10.34 16.58
CA SER D 213 -17.60 -9.84 17.27
CA SER D 213 -17.55 -9.57 17.37
C SER D 213 -16.11 -9.93 16.93
C SER D 213 -16.14 -9.76 16.84
N TRP D 214 -15.52 -11.11 17.06
N TRP D 214 -15.69 -11.02 16.78
CA TRP D 214 -14.11 -11.22 16.76
CA TRP D 214 -14.37 -11.33 16.26
C TRP D 214 -13.64 -12.64 16.51
C TRP D 214 -14.50 -11.53 14.76
N GLY D 215 -12.32 -12.78 16.37
N GLY D 215 -13.96 -10.60 13.99
CA GLY D 215 -11.72 -14.09 16.11
CA GLY D 215 -14.05 -10.68 12.54
C GLY D 215 -10.28 -13.93 15.70
C GLY D 215 -13.01 -11.49 11.78
N GLU D 216 -9.61 -15.02 15.34
N GLU D 216 -11.84 -10.90 11.56
CA GLU D 216 -8.20 -15.01 14.93
CA GLU D 216 -10.78 -11.54 10.78
C GLU D 216 -8.03 -15.44 13.48
C GLU D 216 -10.01 -12.69 11.42
N GLY D 217 -8.41 -14.57 12.55
N GLY D 217 -10.67 -13.84 11.45
CA GLY D 217 -8.29 -14.95 11.15
CA GLY D 217 -10.07 -15.07 11.92
C GLY D 217 -9.64 -15.36 10.61
C GLY D 217 -10.17 -15.76 10.57
N CYS D 218 -9.77 -15.31 9.30
N CYS D 218 -11.19 -15.30 9.84
CA CYS D 218 -11.02 -15.64 8.63
CA CYS D 218 -11.54 -15.75 8.51
C CYS D 218 -11.05 -17.12 8.24
C CYS D 218 -11.12 -17.19 8.26
N ALA D 219 -11.78 -17.94 8.99
N ALA D 219 -11.98 -18.11 8.67
CA ALA D 219 -11.88 -19.37 8.73
CA ALA D 219 -11.77 -19.53 8.49
C ALA D 219 -10.54 -20.04 9.02
C ALA D 219 -10.40 -20.06 8.95
N GLN D 220 -9.99 -19.73 10.17
CA GLN D 220 -8.72 -20.27 10.63
C GLN D 220 -8.93 -21.52 11.52
N PRO D 221 -8.13 -22.56 11.30
CA PRO D 221 -8.23 -23.81 12.08
C PRO D 221 -8.16 -23.55 13.57
N ASN D 222 -9.04 -24.21 14.32
CA ASN D 222 -9.10 -24.09 15.79
C ASN D 222 -9.33 -22.69 16.34
N ARG D 223 -9.86 -21.80 15.49
CA ARG D 223 -10.17 -20.43 15.91
C ARG D 223 -11.50 -20.05 15.29
N PRO D 224 -12.60 -20.66 15.77
CA PRO D 224 -13.93 -20.37 15.23
C PRO D 224 -14.27 -18.87 15.41
N GLY D 225 -15.19 -18.37 14.59
CA GLY D 225 -15.61 -16.98 14.74
C GLY D 225 -16.30 -16.81 16.08
N ILE D 226 -16.14 -15.66 16.72
CA ILE D 226 -16.74 -15.41 18.03
C ILE D 226 -17.81 -14.34 17.86
N TYR D 227 -18.96 -14.58 18.48
CA TYR D 227 -20.11 -13.70 18.37
C TYR D 227 -20.57 -13.27 19.75
N THR D 228 -21.20 -12.11 19.84
CA THR D 228 -21.73 -11.71 21.14
C THR D 228 -23.03 -12.51 21.20
N ARG D 229 -23.25 -13.16 22.33
CA ARG D 229 -24.45 -13.99 22.56
C ARG D 229 -25.62 -13.05 22.86
N VAL D 230 -26.56 -12.90 21.94
CA VAL D 230 -27.65 -11.97 22.17
C VAL D 230 -28.49 -12.20 23.41
N THR D 231 -28.79 -13.46 23.74
CA THR D 231 -29.60 -13.75 24.93
C THR D 231 -29.03 -13.14 26.19
N TYR D 232 -27.70 -13.07 26.26
CA TYR D 232 -27.05 -12.52 27.44
C TYR D 232 -27.38 -11.03 27.65
N TYR D 233 -27.69 -10.32 26.58
CA TYR D 233 -27.99 -8.88 26.70
C TYR D 233 -29.44 -8.45 26.46
N LEU D 234 -30.37 -9.39 26.56
CA LEU D 234 -31.78 -9.08 26.36
C LEU D 234 -32.28 -8.00 27.33
N ASP D 235 -31.90 -8.09 28.59
CA ASP D 235 -32.33 -7.08 29.54
C ASP D 235 -31.83 -5.69 29.13
N TRP D 236 -30.56 -5.60 28.76
CA TRP D 236 -30.02 -4.32 28.34
C TRP D 236 -30.74 -3.78 27.08
N ILE D 237 -30.87 -4.62 26.06
CA ILE D 237 -31.55 -4.23 24.82
C ILE D 237 -32.97 -3.69 25.12
N HIS D 238 -33.73 -4.46 25.90
CA HIS D 238 -35.11 -4.11 26.30
C HIS D 238 -35.21 -2.82 27.06
N HIS D 239 -34.07 -2.32 27.54
CA HIS D 239 -34.05 -1.06 28.28
C HIS D 239 -34.17 0.12 27.33
N TYR D 240 -33.88 -0.13 26.05
CA TYR D 240 -33.93 0.91 25.03
C TYR D 240 -34.92 0.61 23.91
N VAL D 241 -35.00 -0.64 23.49
CA VAL D 241 -35.86 -1.00 22.37
C VAL D 241 -37.26 -1.47 22.80
N PRO D 242 -38.32 -0.81 22.31
CA PRO D 242 -39.70 -1.17 22.64
C PRO D 242 -40.17 -2.56 22.24
N LYS D 243 -41.17 -3.04 22.97
CA LYS D 243 -41.82 -4.32 22.69
C LYS D 243 -40.94 -5.56 22.87
#